data_2CBX
#
_entry.id   2CBX
#
_cell.length_a   74.815
_cell.length_b   128.017
_cell.length_c   181.028
_cell.angle_alpha   90.00
_cell.angle_beta   90.00
_cell.angle_gamma   90.00
#
_symmetry.space_group_name_H-M   'C 2 2 21'
#
loop_
_entity.id
_entity.type
_entity.pdbx_description
1 polymer "5'-FLUORO-5'-DEOXYADENOSINE SYNTHASE"
2 non-polymer BETA-D-ERYTHROFURANOSYL-ADENOSINE
3 non-polymer GLYCEROL
4 water water
#
_entity_poly.entity_id   1
_entity_poly.type   'polypeptide(L)'
_entity_poly.pdbx_seq_one_letter_code
;MAANSTRRPIIAFMSDLGTTDDSVAQCKGLMYSICPDVTVVDVCHSMTPWDVEEGARYIVDLPRFFPEGTVFATTTYPAT
GTTTRSVAVRIKQAAKGGARGQWAGSGAGFERAEGSYIYIAPNNGLLTTVLEEHGYLEAYEVTSPKVIPEQPEPTFYSRE
MVAIPSAHLAAGFPLSEVGRPLEDHEIVRFNRPAVEQDGEALVGVVSAIDHPFGNVWTNIHRTDLEKAGIGYGARLRLTL
DGVLPFEAPLTPTFADAGEIGNIAIYLNSRGYLSIARNAASLAYPYHLKEGMSARVEAR
;
_entity_poly.pdbx_strand_id   A,B,C
#
loop_
_chem_comp.id
_chem_comp.type
_chem_comp.name
_chem_comp.formula
CC5 non-polymer BETA-D-ERYTHROFURANOSYL-ADENOSINE 'C9 H11 N5 O3'
GOL non-polymer GLYCEROL 'C3 H8 O3'
#
# COMPACT_ATOMS: atom_id res chain seq x y z
N ARG A 8 5.84 -3.43 -21.02
CA ARG A 8 6.09 -4.88 -20.71
C ARG A 8 7.27 -5.13 -19.75
N PRO A 9 8.28 -4.22 -19.69
CA PRO A 9 9.25 -4.37 -18.60
C PRO A 9 8.61 -4.13 -17.22
N ILE A 10 9.19 -4.78 -16.21
CA ILE A 10 8.66 -4.73 -14.86
C ILE A 10 9.83 -4.41 -13.95
N ILE A 11 9.59 -3.46 -13.07
CA ILE A 11 10.48 -3.20 -11.97
C ILE A 11 9.67 -3.54 -10.75
N ALA A 12 10.19 -4.45 -9.95
CA ALA A 12 9.61 -4.75 -8.66
C ALA A 12 10.41 -3.94 -7.66
N PHE A 13 9.71 -3.22 -6.78
CA PHE A 13 10.28 -2.13 -6.02
C PHE A 13 10.08 -2.45 -4.55
N MET A 14 11.20 -2.65 -3.86
CA MET A 14 11.19 -2.90 -2.44
C MET A 14 12.03 -1.82 -1.80
N SER A 15 11.44 -1.07 -0.88
CA SER A 15 12.19 -0.02 -0.20
C SER A 15 11.82 0.08 1.27
N ASP A 16 12.56 0.93 2.00
CA ASP A 16 12.21 1.32 3.38
C ASP A 16 11.56 2.71 3.40
N LEU A 17 11.04 3.13 2.25
CA LEU A 17 10.49 4.50 2.10
C LEU A 17 9.13 4.73 2.78
N GLY A 18 8.47 3.65 3.21
CA GLY A 18 7.18 3.75 3.86
C GLY A 18 6.06 3.96 2.85
N THR A 19 4.84 4.00 3.36
CA THR A 19 3.65 4.19 2.53
C THR A 19 2.87 5.42 3.01
N THR A 20 3.58 6.36 3.66
CA THR A 20 2.88 7.45 4.34
C THR A 20 3.06 8.83 3.68
N ASP A 21 3.96 8.92 2.70
CA ASP A 21 4.15 10.16 1.99
C ASP A 21 4.40 9.89 0.52
N ASP A 22 4.81 10.91 -0.22
CA ASP A 22 5.05 10.78 -1.65
C ASP A 22 6.42 10.22 -2.06
N SER A 23 7.21 9.68 -1.14
CA SER A 23 8.54 9.19 -1.47
C SER A 23 8.57 8.15 -2.58
N VAL A 24 7.81 7.09 -2.38
CA VAL A 24 7.67 6.03 -3.41
C VAL A 24 7.10 6.58 -4.70
N ALA A 25 6.16 7.52 -4.60
CA ALA A 25 5.51 8.08 -5.79
C ALA A 25 6.53 8.87 -6.61
N GLN A 26 7.46 9.57 -5.93
CA GLN A 26 8.53 10.29 -6.61
C GLN A 26 9.38 9.33 -7.41
N CYS A 27 9.69 8.19 -6.81
CA CYS A 27 10.46 7.14 -7.48
C CYS A 27 9.74 6.59 -8.70
N LYS A 28 8.47 6.23 -8.52
CA LYS A 28 7.62 5.72 -9.60
C LYS A 28 7.44 6.70 -10.75
N GLY A 29 7.24 7.98 -10.42
CA GLY A 29 7.09 8.98 -11.46
C GLY A 29 8.31 9.01 -12.34
N LEU A 30 9.48 8.93 -11.73
CA LEU A 30 10.73 8.91 -12.47
C LEU A 30 10.88 7.60 -13.23
N MET A 31 10.40 6.51 -12.64
CA MET A 31 10.45 5.21 -13.32
C MET A 31 9.58 5.22 -14.56
N TYR A 32 8.38 5.78 -14.47
CA TYR A 32 7.51 5.89 -15.66
C TYR A 32 8.07 6.91 -16.63
N SER A 33 8.79 7.92 -16.11
CA SER A 33 9.40 8.93 -16.97
C SER A 33 10.46 8.32 -17.87
N ILE A 34 11.35 7.54 -17.27
CA ILE A 34 12.50 6.94 -17.92
C ILE A 34 12.08 5.76 -18.82
N CYS A 35 11.13 4.97 -18.35
CA CYS A 35 10.75 3.76 -19.05
C CYS A 35 9.25 3.82 -19.23
N PRO A 36 8.80 4.49 -20.30
CA PRO A 36 7.37 4.78 -20.39
C PRO A 36 6.45 3.55 -20.34
N ASP A 37 6.93 2.40 -20.79
CA ASP A 37 6.11 1.17 -20.87
C ASP A 37 6.14 0.34 -19.61
N VAL A 38 6.84 0.83 -18.60
CA VAL A 38 7.18 0.00 -17.46
C VAL A 38 5.94 -0.29 -16.63
N THR A 39 5.98 -1.41 -15.93
CA THR A 39 5.04 -1.73 -14.87
C THR A 39 5.85 -1.74 -13.59
N VAL A 40 5.45 -0.93 -12.62
CA VAL A 40 6.16 -0.92 -11.36
C VAL A 40 5.34 -1.71 -10.36
N VAL A 41 5.93 -2.79 -9.87
CA VAL A 41 5.29 -3.65 -8.91
C VAL A 41 5.92 -3.43 -7.55
N ASP A 42 5.11 -2.97 -6.61
CA ASP A 42 5.55 -2.88 -5.24
C ASP A 42 5.73 -4.27 -4.67
N VAL A 43 6.88 -4.49 -4.07
CA VAL A 43 7.07 -5.61 -3.20
C VAL A 43 6.49 -5.17 -1.84
N CYS A 44 7.24 -4.36 -1.10
CA CYS A 44 6.73 -3.71 0.11
C CYS A 44 7.64 -2.55 0.40
N HIS A 45 7.14 -1.61 1.21
CA HIS A 45 7.88 -0.39 1.51
C HIS A 45 7.93 -0.11 2.99
N SER A 46 7.53 -1.11 3.77
CA SER A 46 7.38 -0.95 5.21
C SER A 46 8.47 -1.66 6.05
N MET A 47 9.56 -2.12 5.41
CA MET A 47 10.64 -2.80 6.13
C MET A 47 11.21 -1.84 7.17
N THR A 48 11.75 -2.41 8.24
CA THR A 48 12.44 -1.64 9.27
C THR A 48 13.56 -0.91 8.55
N PRO A 49 13.54 0.42 8.63
CA PRO A 49 14.62 1.16 7.98
C PRO A 49 16.00 0.67 8.40
N TRP A 50 16.86 0.50 7.40
CA TRP A 50 18.29 0.20 7.59
C TRP A 50 18.54 -1.25 7.99
N ASP A 51 17.48 -2.04 8.05
CA ASP A 51 17.62 -3.43 8.48
C ASP A 51 17.86 -4.26 7.22
N VAL A 52 19.13 -4.40 6.84
CA VAL A 52 19.45 -5.00 5.53
C VAL A 52 19.02 -6.46 5.48
N GLU A 53 19.16 -7.14 6.61
CA GLU A 53 18.83 -8.55 6.71
C GLU A 53 17.35 -8.76 6.49
N GLU A 54 16.53 -7.84 7.00
CA GLU A 54 15.10 -7.95 6.81
C GLU A 54 14.70 -7.64 5.38
N GLY A 55 15.29 -6.60 4.81
CA GLY A 55 15.06 -6.30 3.40
C GLY A 55 15.43 -7.45 2.49
N ALA A 56 16.55 -8.11 2.79
CA ALA A 56 17.00 -9.28 2.06
C ALA A 56 15.94 -10.37 1.97
N ARG A 57 15.23 -10.60 3.09
CA ARG A 57 14.14 -11.58 3.20
C ARG A 57 13.03 -11.29 2.21
N TYR A 58 12.79 -10.01 1.96
CA TYR A 58 11.69 -9.59 1.10
C TYR A 58 11.98 -9.70 -0.38
N ILE A 59 13.24 -9.96 -0.72
CA ILE A 59 13.67 -9.87 -2.13
C ILE A 59 14.33 -11.14 -2.65
N VAL A 60 14.78 -11.99 -1.73
CA VAL A 60 15.57 -13.19 -2.11
C VAL A 60 14.76 -14.21 -2.95
N ASP A 61 13.47 -14.33 -2.64
CA ASP A 61 12.61 -15.36 -3.23
C ASP A 61 11.83 -14.84 -4.43
N LEU A 62 12.08 -13.61 -4.83
CA LEU A 62 11.25 -12.96 -5.84
C LEU A 62 11.40 -13.47 -7.27
N PRO A 63 12.65 -13.76 -7.71
CA PRO A 63 12.86 -14.00 -9.15
C PRO A 63 11.93 -15.00 -9.81
N ARG A 64 11.69 -16.15 -9.17
CA ARG A 64 10.98 -17.22 -9.89
C ARG A 64 9.52 -16.84 -10.14
N PHE A 65 9.02 -15.87 -9.39
CA PHE A 65 7.64 -15.39 -9.54
C PHE A 65 7.45 -14.43 -10.70
N PHE A 66 8.55 -13.86 -11.17
CA PHE A 66 8.46 -12.76 -12.09
C PHE A 66 8.85 -13.14 -13.49
N PRO A 67 8.25 -12.49 -14.50
CA PRO A 67 8.69 -12.72 -15.87
C PRO A 67 10.17 -12.40 -16.02
N GLU A 68 10.81 -13.18 -16.89
CA GLU A 68 12.20 -12.95 -17.21
C GLU A 68 12.41 -11.53 -17.68
N GLY A 69 13.52 -10.92 -17.26
CA GLY A 69 13.80 -9.53 -17.64
C GLY A 69 13.40 -8.55 -16.56
N THR A 70 12.68 -9.03 -15.55
CA THR A 70 12.27 -8.16 -14.45
C THR A 70 13.50 -7.59 -13.75
N VAL A 71 13.45 -6.29 -13.45
CA VAL A 71 14.46 -5.63 -12.64
C VAL A 71 13.92 -5.49 -11.20
N PHE A 72 14.74 -5.84 -10.23
CA PHE A 72 14.37 -5.68 -8.84
C PHE A 72 15.13 -4.49 -8.30
N ALA A 73 14.38 -3.44 -7.99
CA ALA A 73 14.95 -2.23 -7.41
C ALA A 73 14.73 -2.37 -5.92
N THR A 74 15.81 -2.67 -5.21
CA THR A 74 15.67 -3.06 -3.79
C THR A 74 16.53 -2.18 -2.93
N THR A 75 15.94 -1.48 -1.97
CA THR A 75 16.73 -0.46 -1.31
C THR A 75 16.34 -0.09 0.11
N THR A 76 17.32 -0.20 0.98
CA THR A 76 17.36 0.60 2.16
C THR A 76 18.72 1.25 2.07
N TYR A 77 18.79 2.56 2.24
CA TYR A 77 20.02 3.25 1.89
C TYR A 77 20.58 4.15 3.02
N PRO A 78 20.98 3.56 4.17
CA PRO A 78 21.53 4.35 5.27
C PRO A 78 22.76 5.18 4.90
N ALA A 79 23.54 4.70 3.93
CA ALA A 79 24.71 5.42 3.46
C ALA A 79 24.36 6.38 2.32
N THR A 80 23.09 6.77 2.24
CA THR A 80 22.67 7.78 1.29
C THR A 80 23.50 9.06 1.41
N GLY A 81 23.88 9.61 0.25
CA GLY A 81 24.61 10.88 0.23
C GLY A 81 26.10 10.72 0.40
N THR A 82 26.56 9.48 0.52
CA THR A 82 27.99 9.23 0.65
C THR A 82 28.55 8.87 -0.73
N THR A 83 29.85 8.59 -0.78
CA THR A 83 30.48 8.28 -2.05
C THR A 83 30.11 6.89 -2.50
N THR A 84 29.47 6.11 -1.62
CA THR A 84 29.04 4.79 -1.96
C THR A 84 28.15 4.83 -3.21
N ARG A 85 28.24 3.76 -4.01
CA ARG A 85 27.44 3.62 -5.19
C ARG A 85 26.77 2.27 -5.20
N SER A 86 25.59 2.22 -5.79
CA SER A 86 24.80 1.03 -5.81
C SER A 86 25.51 -0.03 -6.63
N VAL A 87 25.11 -1.27 -6.42
CA VAL A 87 25.57 -2.40 -7.20
C VAL A 87 24.39 -2.88 -8.04
N ALA A 88 24.65 -3.25 -9.29
CA ALA A 88 23.61 -3.81 -10.16
C ALA A 88 24.13 -5.17 -10.63
N VAL A 89 23.33 -6.21 -10.41
CA VAL A 89 23.79 -7.56 -10.69
C VAL A 89 22.75 -8.31 -11.49
N ARG A 90 23.24 -9.07 -12.45
CA ARG A 90 22.43 -10.05 -13.11
C ARG A 90 22.67 -11.33 -12.36
N ILE A 91 21.61 -11.85 -11.74
CA ILE A 91 21.70 -13.12 -11.03
C ILE A 91 21.77 -14.30 -11.98
N LYS A 92 22.23 -15.43 -11.47
CA LYS A 92 22.41 -16.59 -12.33
C LYS A 92 21.13 -17.43 -12.39
N GLN A 93 20.84 -18.19 -11.32
CA GLN A 93 19.66 -19.05 -11.30
C GLN A 93 18.49 -18.37 -10.60
N ALA A 94 17.31 -18.43 -11.22
CA ALA A 94 16.09 -17.90 -10.61
C ALA A 94 15.74 -18.73 -9.40
N ALA A 95 16.16 -19.99 -9.42
CA ALA A 95 16.12 -20.89 -8.27
C ALA A 95 14.73 -21.29 -7.86
N LYS A 96 14.51 -22.59 -7.84
CA LYS A 96 13.34 -23.17 -7.21
C LYS A 96 13.23 -22.73 -5.73
N GLY A 97 11.99 -22.70 -5.22
CA GLY A 97 11.77 -22.35 -3.82
C GLY A 97 10.65 -23.11 -3.14
N GLY A 98 10.25 -22.64 -1.96
CA GLY A 98 9.13 -23.24 -1.22
C GLY A 98 9.51 -24.46 -0.40
N ALA A 99 8.49 -25.09 0.19
CA ALA A 99 8.71 -26.24 1.09
C ALA A 99 9.28 -27.47 0.37
N ARG A 100 8.94 -27.61 -0.91
CA ARG A 100 9.43 -28.74 -1.73
C ARG A 100 10.59 -28.33 -2.65
N GLY A 101 10.68 -27.04 -2.94
CA GLY A 101 11.60 -26.54 -3.94
C GLY A 101 11.15 -26.83 -5.37
N GLN A 102 10.56 -25.83 -6.02
CA GLN A 102 9.91 -26.01 -7.30
C GLN A 102 9.85 -24.68 -8.04
N TRP A 103 9.58 -24.71 -9.33
CA TRP A 103 9.22 -23.51 -10.06
C TRP A 103 7.82 -23.08 -9.65
N ALA A 104 7.59 -21.78 -9.68
CA ALA A 104 6.33 -21.19 -9.33
C ALA A 104 5.38 -21.18 -10.52
N GLY A 105 4.08 -21.20 -10.24
CA GLY A 105 3.10 -21.11 -11.31
C GLY A 105 2.27 -22.38 -11.46
N SER A 106 1.26 -22.29 -12.34
CA SER A 106 0.38 -23.40 -12.68
C SER A 106 1.13 -24.58 -13.29
N GLY A 107 0.45 -25.72 -13.40
CA GLY A 107 1.07 -26.94 -13.92
C GLY A 107 2.32 -27.27 -13.14
N ALA A 108 3.41 -27.48 -13.87
CA ALA A 108 4.70 -27.86 -13.28
C ALA A 108 5.56 -26.65 -12.92
N GLY A 109 4.99 -25.46 -13.08
CA GLY A 109 5.66 -24.24 -12.75
C GLY A 109 6.30 -23.61 -13.95
N PHE A 110 6.74 -22.37 -13.80
CA PHE A 110 7.39 -21.67 -14.89
C PHE A 110 8.89 -21.66 -14.69
N GLU A 111 9.56 -22.42 -15.53
CA GLU A 111 10.99 -22.50 -15.49
C GLU A 111 11.52 -21.17 -16.01
N ARG A 112 12.55 -20.66 -15.34
CA ARG A 112 13.08 -19.35 -15.69
C ARG A 112 14.50 -19.55 -16.18
N ALA A 113 14.78 -19.02 -17.37
CA ALA A 113 16.11 -19.12 -17.95
C ALA A 113 17.10 -18.46 -16.99
N GLU A 114 18.33 -18.93 -16.97
CA GLU A 114 19.39 -18.30 -16.18
C GLU A 114 19.71 -16.91 -16.70
N GLY A 115 20.20 -16.03 -15.83
CA GLY A 115 20.56 -14.67 -16.21
C GLY A 115 19.41 -13.77 -16.60
N SER A 116 18.22 -14.02 -16.05
CA SER A 116 17.02 -13.33 -16.53
C SER A 116 16.59 -12.16 -15.68
N TYR A 117 17.29 -11.91 -14.57
CA TYR A 117 16.83 -10.93 -13.59
C TYR A 117 17.96 -10.08 -13.15
N ILE A 118 17.68 -8.79 -12.97
CA ILE A 118 18.69 -7.89 -12.44
C ILE A 118 18.25 -7.34 -11.11
N TYR A 119 19.18 -7.30 -10.16
CA TYR A 119 18.92 -6.57 -8.94
C TYR A 119 19.78 -5.32 -8.92
N ILE A 120 19.19 -4.23 -8.47
CA ILE A 120 19.96 -3.04 -8.22
C ILE A 120 19.68 -2.58 -6.80
N ALA A 121 20.75 -2.34 -6.06
CA ALA A 121 20.64 -2.12 -4.64
C ALA A 121 21.82 -1.35 -4.15
N PRO A 122 21.65 -0.70 -2.99
CA PRO A 122 22.81 -0.15 -2.33
C PRO A 122 23.78 -1.29 -2.19
N ASN A 123 25.07 -0.98 -2.24
CA ASN A 123 26.04 -2.01 -2.00
C ASN A 123 26.34 -2.05 -0.51
N ASN A 124 25.34 -2.46 0.27
CA ASN A 124 25.46 -2.51 1.73
C ASN A 124 25.10 -3.88 2.29
N GLY A 125 25.07 -4.89 1.44
CA GLY A 125 24.81 -6.25 1.87
C GLY A 125 23.37 -6.65 1.70
N LEU A 126 22.55 -5.72 1.19
CA LEU A 126 21.14 -6.02 1.00
C LEU A 126 20.96 -7.28 0.14
N LEU A 127 21.82 -7.40 -0.87
CA LEU A 127 21.75 -8.51 -1.83
C LEU A 127 22.44 -9.79 -1.38
N THR A 128 22.90 -9.86 -0.13
CA THR A 128 23.65 -11.03 0.37
C THR A 128 22.98 -12.37 0.04
N THR A 129 21.73 -12.53 0.46
CA THR A 129 21.04 -13.81 0.27
C THR A 129 20.61 -14.01 -1.19
N VAL A 130 20.32 -12.90 -1.88
CA VAL A 130 20.11 -12.96 -3.34
C VAL A 130 21.30 -13.65 -4.02
N LEU A 131 22.51 -13.22 -3.69
CA LEU A 131 23.68 -13.75 -4.37
C LEU A 131 23.96 -15.17 -3.90
N GLU A 132 23.76 -15.40 -2.60
CA GLU A 132 24.00 -16.70 -2.00
C GLU A 132 23.10 -17.76 -2.64
N GLU A 133 21.85 -17.39 -2.89
CA GLU A 133 20.87 -18.33 -3.38
C GLU A 133 20.74 -18.46 -4.89
N HIS A 134 20.96 -17.36 -5.61
CA HIS A 134 20.84 -17.37 -7.07
C HIS A 134 22.17 -17.36 -7.80
N GLY A 135 23.23 -17.04 -7.08
CA GLY A 135 24.51 -16.80 -7.73
C GLY A 135 24.37 -15.55 -8.59
N TYR A 136 25.45 -15.15 -9.24
CA TYR A 136 25.34 -14.04 -10.19
C TYR A 136 26.31 -14.20 -11.34
N LEU A 137 25.95 -13.58 -12.45
CA LEU A 137 26.75 -13.70 -13.66
C LEU A 137 27.67 -12.51 -13.81
N GLU A 138 27.15 -11.34 -13.46
CA GLU A 138 27.88 -10.09 -13.58
C GLU A 138 27.38 -9.08 -12.55
N ALA A 139 28.29 -8.18 -12.15
CA ALA A 139 28.03 -7.18 -11.13
C ALA A 139 28.77 -5.91 -11.51
N TYR A 140 28.07 -4.79 -11.41
CA TYR A 140 28.60 -3.50 -11.83
C TYR A 140 28.29 -2.45 -10.79
N GLU A 141 29.25 -1.56 -10.56
CA GLU A 141 29.01 -0.41 -9.72
C GLU A 141 28.16 0.54 -10.54
N VAL A 142 27.15 1.15 -9.93
CA VAL A 142 26.26 2.05 -10.65
C VAL A 142 26.75 3.49 -10.52
N THR A 143 27.40 4.00 -11.56
CA THR A 143 28.08 5.30 -11.48
C THR A 143 27.86 6.24 -12.66
N SER A 144 27.40 5.68 -13.78
CA SER A 144 27.26 6.44 -15.02
C SER A 144 26.17 7.51 -14.92
N PRO A 145 26.46 8.75 -15.37
CA PRO A 145 25.49 9.83 -15.28
C PRO A 145 24.34 9.63 -16.24
N LYS A 146 24.42 8.59 -17.06
CA LYS A 146 23.33 8.24 -17.96
C LYS A 146 22.24 7.49 -17.20
N VAL A 147 22.58 6.97 -16.02
CA VAL A 147 21.60 6.22 -15.21
C VAL A 147 21.37 6.77 -13.81
N ILE A 148 22.22 7.66 -13.34
CA ILE A 148 22.04 8.31 -12.03
C ILE A 148 22.16 9.83 -12.17
N PRO A 149 21.56 10.59 -11.22
CA PRO A 149 21.72 12.05 -11.29
C PRO A 149 23.18 12.46 -11.23
N GLU A 150 23.53 13.52 -11.96
CA GLU A 150 24.81 14.17 -11.83
C GLU A 150 24.93 14.88 -10.48
N GLN A 151 23.79 15.27 -9.92
CA GLN A 151 23.73 15.90 -8.61
C GLN A 151 22.66 15.19 -7.82
N PRO A 152 22.98 14.01 -7.28
CA PRO A 152 21.95 13.25 -6.59
C PRO A 152 21.53 13.92 -5.28
N GLU A 153 20.25 13.79 -4.93
CA GLU A 153 19.77 14.22 -3.62
C GLU A 153 20.53 13.49 -2.55
N PRO A 154 21.25 14.21 -1.67
CA PRO A 154 22.07 13.52 -0.68
C PRO A 154 21.27 12.53 0.17
N THR A 155 20.06 12.88 0.57
CA THR A 155 19.31 12.05 1.51
C THR A 155 18.40 11.04 0.83
N PHE A 156 18.41 11.01 -0.50
CA PHE A 156 17.49 10.17 -1.21
C PHE A 156 18.16 9.27 -2.27
N TYR A 157 19.25 8.60 -1.90
CA TYR A 157 19.91 7.64 -2.80
C TYR A 157 19.03 6.48 -3.21
N SER A 158 18.02 6.17 -2.40
CA SER A 158 17.05 5.15 -2.82
C SER A 158 16.33 5.52 -4.11
N ARG A 159 16.09 6.81 -4.30
CA ARG A 159 15.57 7.32 -5.56
C ARG A 159 16.68 7.46 -6.61
N GLU A 160 17.74 8.19 -6.24
CA GLU A 160 18.80 8.55 -7.19
C GLU A 160 19.59 7.35 -7.72
N MET A 161 19.88 6.41 -6.82
CA MET A 161 20.89 5.38 -7.06
C MET A 161 20.29 3.99 -7.17
N VAL A 162 18.96 3.94 -7.15
CA VAL A 162 18.23 2.68 -7.25
C VAL A 162 17.04 2.84 -8.19
N ALA A 163 16.09 3.70 -7.84
CA ALA A 163 14.83 3.77 -8.60
C ALA A 163 15.12 4.25 -9.99
N ILE A 164 15.86 5.36 -10.09
CA ILE A 164 16.26 5.96 -11.35
C ILE A 164 17.06 5.01 -12.26
N PRO A 165 18.22 4.49 -11.79
CA PRO A 165 18.91 3.59 -12.71
C PRO A 165 18.18 2.27 -12.96
N SER A 166 17.33 1.84 -12.04
CA SER A 166 16.54 0.62 -12.28
C SER A 166 15.62 0.80 -13.47
N ALA A 167 15.11 2.03 -13.62
CA ALA A 167 14.20 2.35 -14.71
C ALA A 167 14.95 2.38 -16.03
N HIS A 168 16.20 2.89 -16.02
CA HIS A 168 17.06 2.82 -17.19
C HIS A 168 17.34 1.38 -17.58
N LEU A 169 17.62 0.53 -16.59
CA LEU A 169 17.87 -0.88 -16.86
C LEU A 169 16.63 -1.52 -17.45
N ALA A 170 15.46 -1.19 -16.92
CA ALA A 170 14.20 -1.71 -17.45
C ALA A 170 13.98 -1.20 -18.85
N ALA A 171 14.39 0.05 -19.10
CA ALA A 171 14.31 0.70 -20.40
C ALA A 171 15.33 0.17 -21.40
N GLY A 172 16.16 -0.76 -20.95
CA GLY A 172 17.07 -1.45 -21.84
C GLY A 172 18.47 -0.90 -21.87
N PHE A 173 18.78 -0.01 -20.94
CA PHE A 173 20.14 0.49 -20.83
C PHE A 173 21.05 -0.71 -20.51
N PRO A 174 22.07 -0.95 -21.35
CA PRO A 174 22.94 -2.11 -21.16
C PRO A 174 23.51 -2.12 -19.75
N LEU A 175 23.32 -3.23 -19.04
CA LEU A 175 23.73 -3.37 -17.65
C LEU A 175 25.22 -3.07 -17.45
N SER A 176 26.06 -3.62 -18.34
CA SER A 176 27.50 -3.44 -18.28
C SER A 176 27.93 -1.99 -18.51
N GLU A 177 26.99 -1.14 -18.90
CA GLU A 177 27.29 0.26 -19.14
C GLU A 177 27.03 1.16 -17.90
N VAL A 178 26.52 0.60 -16.81
CA VAL A 178 26.15 1.41 -15.64
C VAL A 178 27.37 1.88 -14.86
N GLY A 179 28.46 1.13 -14.98
CA GLY A 179 29.66 1.43 -14.23
C GLY A 179 30.64 0.31 -14.45
N ARG A 180 31.74 0.35 -13.71
CA ARG A 180 32.78 -0.64 -13.84
C ARG A 180 32.32 -1.96 -13.19
N PRO A 181 32.83 -3.11 -13.70
CA PRO A 181 32.54 -4.38 -13.03
C PRO A 181 33.06 -4.38 -11.60
N LEU A 182 32.27 -4.94 -10.68
CA LEU A 182 32.73 -5.16 -9.31
C LEU A 182 33.26 -6.59 -9.15
N GLU A 183 34.41 -6.73 -8.51
CA GLU A 183 34.89 -8.05 -8.13
C GLU A 183 34.08 -8.53 -6.93
N ASP A 184 34.06 -9.84 -6.71
CA ASP A 184 33.17 -10.43 -5.73
C ASP A 184 33.39 -9.87 -4.33
N HIS A 185 34.65 -9.65 -3.96
CA HIS A 185 35.00 -9.11 -2.65
C HIS A 185 34.55 -7.64 -2.45
N GLU A 186 34.19 -6.95 -3.53
CA GLU A 186 33.70 -5.56 -3.45
C GLU A 186 32.20 -5.46 -3.20
N ILE A 187 31.52 -6.61 -3.26
CA ILE A 187 30.08 -6.64 -2.97
C ILE A 187 29.93 -6.93 -1.48
N VAL A 188 29.42 -5.95 -0.75
CA VAL A 188 29.22 -6.09 0.68
C VAL A 188 28.25 -7.24 0.94
N ARG A 189 28.59 -8.04 1.94
CA ARG A 189 27.77 -9.13 2.42
C ARG A 189 27.56 -8.94 3.89
N PHE A 190 26.37 -9.32 4.38
CA PHE A 190 26.19 -9.54 5.82
C PHE A 190 26.45 -11.00 6.21
N ASN A 191 26.80 -11.21 7.48
CA ASN A 191 26.97 -12.55 8.01
C ASN A 191 25.63 -13.14 8.41
N ARG A 192 25.38 -14.36 7.97
CA ARG A 192 24.16 -15.03 8.35
C ARG A 192 24.48 -16.02 9.45
N PRO A 193 23.83 -15.85 10.62
CA PRO A 193 23.96 -16.80 11.73
C PRO A 193 23.70 -18.22 11.23
N ALA A 194 24.62 -19.12 11.53
CA ALA A 194 24.48 -20.50 11.10
C ALA A 194 23.48 -21.17 12.03
N VAL A 195 22.76 -22.17 11.50
CA VAL A 195 21.97 -23.08 12.32
C VAL A 195 22.94 -24.12 12.91
N GLU A 196 23.03 -24.15 14.24
CA GLU A 196 23.95 -25.06 14.92
C GLU A 196 23.26 -26.35 15.36
N GLN A 197 23.95 -27.48 15.18
CA GLN A 197 23.53 -28.75 15.74
C GLN A 197 24.02 -28.78 17.20
N ASP A 198 23.09 -28.94 18.14
CA ASP A 198 23.44 -29.03 19.57
C ASP A 198 22.92 -30.34 20.18
N GLY A 199 23.70 -31.40 20.02
CA GLY A 199 23.25 -32.74 20.33
C GLY A 199 22.38 -33.21 19.19
N GLU A 200 21.13 -33.51 19.52
CA GLU A 200 20.11 -33.88 18.53
C GLU A 200 19.36 -32.63 18.04
N ALA A 201 19.42 -31.58 18.85
CA ALA A 201 18.73 -30.33 18.60
C ALA A 201 19.29 -29.54 17.42
N LEU A 202 18.45 -28.66 16.88
CA LEU A 202 18.87 -27.62 15.94
C LEU A 202 18.54 -26.28 16.56
N VAL A 203 19.54 -25.41 16.57
CA VAL A 203 19.43 -24.15 17.27
C VAL A 203 19.54 -23.06 16.25
N GLY A 204 18.48 -22.26 16.17
CA GLY A 204 18.45 -21.12 15.31
C GLY A 204 17.82 -19.96 16.03
N VAL A 205 17.10 -19.17 15.26
CA VAL A 205 16.54 -17.95 15.76
C VAL A 205 15.16 -17.80 15.15
N VAL A 206 14.27 -17.07 15.80
CA VAL A 206 13.11 -16.55 15.12
C VAL A 206 13.65 -15.50 14.15
N SER A 207 13.53 -15.82 12.86
CA SER A 207 14.06 -14.98 11.79
C SER A 207 13.05 -13.91 11.41
N ALA A 208 11.76 -14.21 11.58
CA ALA A 208 10.71 -13.25 11.31
C ALA A 208 9.42 -13.64 11.98
N ILE A 209 8.68 -12.64 12.45
CA ILE A 209 7.26 -12.82 12.74
C ILE A 209 6.51 -12.59 11.42
N ASP A 210 5.73 -13.56 11.02
CA ASP A 210 5.09 -13.50 9.74
C ASP A 210 3.78 -12.70 9.84
N HIS A 211 3.88 -11.39 9.56
CA HIS A 211 2.72 -10.51 9.57
C HIS A 211 1.98 -10.71 8.28
N PRO A 212 0.64 -10.59 8.30
CA PRO A 212 -0.19 -10.18 9.43
C PRO A 212 -0.73 -11.32 10.31
N PHE A 213 -0.16 -12.51 10.21
CA PHE A 213 -0.76 -13.69 10.83
C PHE A 213 -0.20 -13.98 12.21
N GLY A 214 1.00 -13.46 12.47
CA GLY A 214 1.73 -13.77 13.68
C GLY A 214 2.20 -15.20 13.68
N ASN A 215 2.55 -15.70 12.49
CA ASN A 215 3.22 -17.00 12.44
C ASN A 215 4.66 -16.75 12.79
N VAL A 216 5.37 -17.77 13.24
CA VAL A 216 6.75 -17.60 13.69
C VAL A 216 7.68 -18.35 12.74
N TRP A 217 8.56 -17.62 12.07
CA TRP A 217 9.42 -18.20 11.08
C TRP A 217 10.80 -18.27 11.70
N THR A 218 11.46 -19.40 11.54
CA THR A 218 12.82 -19.55 12.06
C THR A 218 13.78 -19.58 10.87
N ASN A 219 15.07 -19.53 11.15
CA ASN A 219 16.09 -19.69 10.11
C ASN A 219 16.54 -21.15 9.97
N ILE A 220 15.80 -22.06 10.58
CA ILE A 220 16.10 -23.50 10.48
C ILE A 220 15.44 -24.01 9.20
N HIS A 221 16.27 -24.39 8.23
CA HIS A 221 15.81 -24.72 6.90
C HIS A 221 15.37 -26.19 6.82
N ARG A 222 14.60 -26.53 5.80
CA ARG A 222 14.25 -27.92 5.57
C ARG A 222 15.52 -28.77 5.40
N THR A 223 16.51 -28.26 4.68
CA THR A 223 17.82 -28.93 4.55
C THR A 223 18.47 -29.21 5.91
N ASP A 224 18.33 -28.28 6.85
CA ASP A 224 18.80 -28.47 8.23
C ASP A 224 18.00 -29.57 8.94
N LEU A 225 16.73 -29.68 8.62
CA LEU A 225 15.85 -30.68 9.23
C LEU A 225 16.15 -32.09 8.72
N GLU A 226 16.27 -32.24 7.40
CA GLU A 226 16.58 -33.53 6.80
C GLU A 226 18.06 -33.90 6.97
N LYS A 227 18.67 -33.35 8.02
CA LYS A 227 20.07 -33.53 8.40
C LYS A 227 20.10 -34.10 9.81
N ALA A 228 19.02 -33.86 10.55
CA ALA A 228 18.80 -34.50 11.86
C ALA A 228 17.72 -35.58 11.74
N GLY A 229 17.38 -35.92 10.49
CA GLY A 229 16.42 -36.98 10.18
C GLY A 229 14.96 -36.55 10.09
N ILE A 230 14.73 -35.25 10.23
CA ILE A 230 13.38 -34.70 10.43
C ILE A 230 12.64 -34.42 9.12
N GLY A 231 11.56 -35.16 8.91
CA GLY A 231 10.63 -34.92 7.81
C GLY A 231 9.21 -34.75 8.32
N TYR A 232 8.25 -34.57 7.41
CA TYR A 232 6.85 -34.41 7.78
C TYR A 232 6.39 -35.61 8.62
N GLY A 233 5.72 -35.32 9.73
CA GLY A 233 5.17 -36.37 10.61
C GLY A 233 5.87 -36.48 11.94
N ALA A 234 7.05 -35.89 12.05
CA ALA A 234 7.91 -36.05 13.22
C ALA A 234 7.45 -35.20 14.40
N ARG A 235 7.30 -35.85 15.55
CA ARG A 235 6.99 -35.16 16.81
C ARG A 235 8.18 -34.29 17.21
N LEU A 236 7.99 -32.98 17.21
CA LEU A 236 9.09 -32.08 17.51
C LEU A 236 8.79 -31.26 18.74
N ARG A 237 9.87 -30.93 19.46
CA ARG A 237 9.81 -29.96 20.55
C ARG A 237 10.54 -28.73 20.03
N LEU A 238 9.84 -27.59 20.03
CA LEU A 238 10.36 -26.31 19.58
C LEU A 238 10.23 -25.29 20.69
N THR A 239 11.37 -24.83 21.22
CA THR A 239 11.36 -23.80 22.27
C THR A 239 11.77 -22.44 21.73
N LEU A 240 11.05 -21.41 22.18
CA LEU A 240 11.28 -20.04 21.76
C LEU A 240 11.62 -19.15 22.97
N ASP A 241 12.51 -18.19 22.75
CA ASP A 241 13.01 -17.28 23.80
C ASP A 241 13.55 -18.08 24.99
N GLY A 242 13.90 -19.34 24.73
CA GLY A 242 14.57 -20.20 25.69
C GLY A 242 13.62 -20.93 26.61
N VAL A 243 12.41 -20.36 26.76
CA VAL A 243 11.50 -20.76 27.83
C VAL A 243 10.16 -21.33 27.38
N LEU A 244 9.48 -20.63 26.46
CA LEU A 244 8.21 -21.09 25.85
C LEU A 244 8.41 -22.21 24.84
N PRO A 245 8.23 -23.49 25.26
CA PRO A 245 8.35 -24.62 24.34
C PRO A 245 7.01 -25.03 23.72
N PHE A 246 7.07 -25.79 22.63
CA PHE A 246 5.89 -26.19 21.86
C PHE A 246 6.12 -27.58 21.34
N GLU A 247 5.08 -28.40 21.31
CA GLU A 247 5.19 -29.73 20.73
C GLU A 247 4.09 -29.99 19.72
N ALA A 248 4.48 -30.54 18.57
CA ALA A 248 3.57 -30.82 17.48
C ALA A 248 4.35 -31.63 16.46
N PRO A 249 3.62 -32.43 15.65
CA PRO A 249 4.28 -33.03 14.51
C PRO A 249 4.64 -31.95 13.49
N LEU A 250 5.65 -32.22 12.68
CA LEU A 250 5.93 -31.39 11.52
C LEU A 250 4.92 -31.74 10.43
N THR A 251 4.09 -30.78 10.05
CA THR A 251 3.02 -31.00 9.08
C THR A 251 3.13 -30.01 7.93
N PRO A 252 2.59 -30.35 6.75
CA PRO A 252 2.60 -29.41 5.64
C PRO A 252 1.97 -28.03 5.88
N THR A 253 0.84 -27.98 6.59
CA THR A 253 0.06 -26.74 6.67
C THR A 253 -0.59 -26.57 8.02
N PHE A 254 -1.16 -25.40 8.25
CA PHE A 254 -1.82 -25.04 9.51
C PHE A 254 -2.95 -25.95 9.97
N ALA A 255 -3.85 -26.28 9.03
CA ALA A 255 -5.06 -27.04 9.33
C ALA A 255 -4.78 -28.43 9.85
N ASP A 256 -3.55 -28.91 9.66
CA ASP A 256 -3.18 -30.24 10.14
C ASP A 256 -3.10 -30.33 11.65
N ALA A 257 -3.12 -29.16 12.29
CA ALA A 257 -3.12 -29.06 13.74
C ALA A 257 -4.49 -29.46 14.28
N GLY A 258 -5.48 -29.44 13.39
CA GLY A 258 -6.82 -29.85 13.74
C GLY A 258 -7.61 -28.62 14.11
N GLU A 259 -7.92 -28.51 15.39
CA GLU A 259 -8.79 -27.45 15.86
C GLU A 259 -8.11 -26.10 15.70
N ILE A 260 -8.93 -25.08 15.43
CA ILE A 260 -8.47 -23.69 15.34
C ILE A 260 -7.81 -23.28 16.66
N GLY A 261 -6.64 -22.64 16.54
CA GLY A 261 -5.81 -22.26 17.70
C GLY A 261 -4.72 -23.26 18.01
N ASN A 262 -4.90 -24.50 17.52
CA ASN A 262 -3.91 -25.55 17.77
C ASN A 262 -2.59 -25.24 17.11
N ILE A 263 -1.51 -25.58 17.80
CA ILE A 263 -0.16 -25.39 17.30
C ILE A 263 0.14 -26.25 16.09
N ALA A 264 0.61 -25.59 15.03
CA ALA A 264 1.13 -26.27 13.84
C ALA A 264 2.62 -25.97 13.75
N ILE A 265 3.43 -27.00 13.56
CA ILE A 265 4.82 -26.83 13.19
C ILE A 265 4.93 -27.34 11.78
N TYR A 266 5.49 -26.49 10.91
CA TYR A 266 5.43 -26.69 9.48
C TYR A 266 6.66 -26.09 8.80
N LEU A 267 6.76 -26.32 7.49
CA LEU A 267 7.72 -25.60 6.65
C LEU A 267 6.98 -24.50 5.91
N ASN A 268 7.44 -23.27 6.06
CA ASN A 268 6.78 -22.13 5.41
C ASN A 268 7.06 -22.13 3.91
N SER A 269 6.48 -21.17 3.20
CA SER A 269 6.56 -21.11 1.74
C SER A 269 7.94 -20.73 1.22
N ARG A 270 8.91 -20.56 2.12
CA ARG A 270 10.29 -20.30 1.71
C ARG A 270 11.18 -21.44 2.15
N GLY A 271 10.58 -22.49 2.71
CA GLY A 271 11.29 -23.73 3.06
C GLY A 271 11.74 -23.88 4.49
N TYR A 272 11.32 -22.97 5.37
CA TYR A 272 11.87 -22.91 6.71
C TYR A 272 10.92 -23.37 7.78
N LEU A 273 11.49 -24.02 8.78
CA LEU A 273 10.77 -24.48 9.94
C LEU A 273 10.08 -23.30 10.63
N SER A 274 8.77 -23.45 10.80
CA SER A 274 7.96 -22.38 11.33
C SER A 274 7.01 -22.93 12.34
N ILE A 275 6.43 -22.05 13.14
CA ILE A 275 5.42 -22.46 14.09
C ILE A 275 4.31 -21.43 14.07
N ALA A 276 3.09 -21.93 14.17
CA ALA A 276 1.95 -21.09 14.11
C ALA A 276 0.85 -21.74 14.91
N ARG A 277 -0.26 -21.03 15.03
CA ARG A 277 -1.51 -21.65 15.42
C ARG A 277 -2.37 -21.75 14.18
N ASN A 278 -3.23 -22.73 14.15
CA ASN A 278 -4.15 -22.89 13.06
C ASN A 278 -5.26 -21.84 13.07
N ALA A 279 -5.22 -20.96 12.08
CA ALA A 279 -6.16 -19.85 11.93
C ALA A 279 -6.29 -19.03 13.23
N ALA A 280 -5.16 -18.83 13.90
CA ALA A 280 -5.08 -17.97 15.09
C ALA A 280 -3.67 -17.44 15.08
N SER A 281 -3.46 -16.29 15.71
CA SER A 281 -2.11 -15.75 15.82
C SER A 281 -1.33 -16.36 16.96
N LEU A 282 -0.12 -16.80 16.66
CA LEU A 282 0.73 -17.33 17.71
C LEU A 282 1.60 -16.22 18.30
N ALA A 283 2.24 -15.45 17.44
CA ALA A 283 3.22 -14.48 17.90
C ALA A 283 2.58 -13.40 18.77
N TYR A 284 1.42 -12.89 18.35
CA TYR A 284 0.90 -11.65 18.91
C TYR A 284 0.40 -11.70 20.35
N PRO A 285 -0.46 -12.69 20.70
CA PRO A 285 -0.89 -12.77 22.10
C PRO A 285 0.31 -12.92 23.04
N TYR A 286 1.38 -13.57 22.60
CA TYR A 286 2.52 -13.87 23.49
C TYR A 286 3.68 -12.94 23.25
N HIS A 287 3.47 -11.98 22.36
CA HIS A 287 4.50 -10.98 22.03
C HIS A 287 5.81 -11.69 21.66
N LEU A 288 5.68 -12.76 20.87
CA LEU A 288 6.86 -13.41 20.32
C LEU A 288 7.47 -12.50 19.28
N LYS A 289 8.80 -12.43 19.26
CA LYS A 289 9.51 -11.48 18.45
C LYS A 289 10.63 -12.12 17.64
N GLU A 290 10.95 -11.49 16.52
CA GLU A 290 12.13 -11.81 15.77
C GLU A 290 13.38 -11.68 16.66
N GLY A 291 14.34 -12.57 16.49
CA GLY A 291 15.54 -12.51 17.31
C GLY A 291 15.49 -13.46 18.49
N MET A 292 14.30 -13.91 18.85
CA MET A 292 14.20 -14.91 19.92
C MET A 292 14.82 -16.22 19.47
N SER A 293 15.56 -16.85 20.37
CA SER A 293 16.14 -18.14 20.09
C SER A 293 15.05 -19.10 19.71
N ALA A 294 15.39 -20.06 18.87
CA ALA A 294 14.49 -21.11 18.46
C ALA A 294 15.27 -22.40 18.44
N ARG A 295 14.91 -23.34 19.31
CA ARG A 295 15.54 -24.65 19.32
C ARG A 295 14.52 -25.72 18.96
N VAL A 296 14.82 -26.52 17.93
CA VAL A 296 14.01 -27.69 17.61
C VAL A 296 14.77 -28.97 17.94
N GLU A 297 14.06 -29.93 18.54
CA GLU A 297 14.59 -31.28 18.76
C GLU A 297 13.48 -32.32 18.56
N ALA A 298 13.80 -33.41 17.85
CA ALA A 298 12.84 -34.49 17.65
C ALA A 298 12.78 -35.42 18.87
N ARG B 8 -0.64 6.87 -23.07
CA ARG B 8 -0.20 6.42 -21.72
C ARG B 8 -0.46 7.47 -20.61
N PRO B 9 -1.74 7.82 -20.36
CA PRO B 9 -2.00 8.84 -19.32
C PRO B 9 -1.75 8.31 -17.90
N ILE B 10 -1.31 9.20 -17.03
CA ILE B 10 -1.04 8.86 -15.64
C ILE B 10 -1.90 9.71 -14.73
N ILE B 11 -2.56 9.05 -13.79
CA ILE B 11 -3.15 9.73 -12.68
C ILE B 11 -2.31 9.37 -11.48
N ALA B 12 -1.75 10.38 -10.83
CA ALA B 12 -1.14 10.15 -9.54
C ALA B 12 -2.19 10.54 -8.50
N PHE B 13 -2.44 9.62 -7.58
CA PHE B 13 -3.63 9.63 -6.76
C PHE B 13 -3.23 9.69 -5.30
N MET B 14 -3.58 10.79 -4.66
CA MET B 14 -3.29 11.00 -3.24
C MET B 14 -4.64 11.24 -2.58
N SER B 15 -4.97 10.45 -1.58
CA SER B 15 -6.22 10.61 -0.86
C SER B 15 -6.03 10.33 0.62
N ASP B 16 -7.10 10.59 1.38
CA ASP B 16 -7.19 10.21 2.79
C ASP B 16 -8.04 8.95 2.99
N LEU B 17 -8.19 8.16 1.94
CA LEU B 17 -9.14 7.04 1.95
C LEU B 17 -8.62 5.80 2.69
N GLY B 18 -7.34 5.81 3.04
CA GLY B 18 -6.74 4.68 3.72
C GLY B 18 -6.43 3.51 2.80
N THR B 19 -5.88 2.47 3.39
CA THR B 19 -5.35 1.31 2.69
C THR B 19 -6.04 0.06 3.21
N THR B 20 -7.20 0.23 3.82
CA THR B 20 -7.79 -0.87 4.58
C THR B 20 -9.11 -1.38 4.04
N ASP B 21 -9.71 -0.67 3.10
CA ASP B 21 -10.95 -1.15 2.49
C ASP B 21 -10.90 -0.92 1.00
N ASP B 22 -12.06 -1.05 0.34
CA ASP B 22 -12.13 -0.95 -1.12
C ASP B 22 -12.29 0.47 -1.67
N SER B 23 -12.17 1.49 -0.81
CA SER B 23 -12.38 2.89 -1.22
C SER B 23 -11.49 3.32 -2.37
N VAL B 24 -10.19 3.05 -2.25
CA VAL B 24 -9.22 3.43 -3.29
C VAL B 24 -9.46 2.62 -4.56
N ALA B 25 -9.72 1.32 -4.43
CA ALA B 25 -10.04 0.42 -5.56
C ALA B 25 -11.27 0.87 -6.34
N GLN B 26 -12.31 1.33 -5.64
CA GLN B 26 -13.48 1.93 -6.29
C GLN B 26 -13.09 3.10 -7.21
N CYS B 27 -12.33 4.05 -6.66
CA CYS B 27 -11.83 5.17 -7.43
C CYS B 27 -11.05 4.69 -8.66
N LYS B 28 -10.08 3.82 -8.43
CA LYS B 28 -9.28 3.26 -9.52
C LYS B 28 -10.13 2.51 -10.54
N GLY B 29 -11.06 1.69 -10.06
CA GLY B 29 -11.95 0.96 -11.00
C GLY B 29 -12.59 1.94 -11.94
N LEU B 30 -13.09 3.03 -11.38
CA LEU B 30 -13.72 4.09 -12.20
C LEU B 30 -12.73 4.79 -13.13
N MET B 31 -11.49 4.95 -12.66
CA MET B 31 -10.44 5.57 -13.46
C MET B 31 -10.13 4.75 -14.71
N TYR B 32 -9.98 3.43 -14.55
CA TYR B 32 -9.79 2.50 -15.69
C TYR B 32 -10.99 2.40 -16.60
N SER B 33 -12.17 2.48 -16.01
CA SER B 33 -13.42 2.55 -16.77
C SER B 33 -13.48 3.77 -17.70
N ILE B 34 -13.06 4.91 -17.17
CA ILE B 34 -13.16 6.15 -17.91
C ILE B 34 -11.95 6.31 -18.83
N CYS B 35 -10.78 5.89 -18.35
CA CYS B 35 -9.54 6.10 -19.10
C CYS B 35 -8.84 4.74 -19.14
N PRO B 36 -9.24 3.88 -20.09
CA PRO B 36 -8.72 2.51 -20.11
C PRO B 36 -7.19 2.38 -20.10
N ASP B 37 -6.51 3.25 -20.85
CA ASP B 37 -5.05 3.18 -20.99
C ASP B 37 -4.26 3.89 -19.85
N VAL B 38 -4.99 4.36 -18.83
CA VAL B 38 -4.40 5.07 -17.68
C VAL B 38 -3.48 4.20 -16.85
N THR B 39 -2.44 4.81 -16.31
CA THR B 39 -1.68 4.20 -15.24
C THR B 39 -2.01 4.98 -13.97
N VAL B 40 -2.54 4.30 -12.98
CA VAL B 40 -2.81 4.97 -11.71
C VAL B 40 -1.61 4.75 -10.79
N VAL B 41 -1.00 5.85 -10.37
CA VAL B 41 0.15 5.80 -9.50
C VAL B 41 -0.30 6.33 -8.15
N ASP B 42 -0.19 5.47 -7.14
CA ASP B 42 -0.55 5.87 -5.78
C ASP B 42 0.52 6.79 -5.24
N VAL B 43 0.08 7.90 -4.69
CA VAL B 43 0.98 8.73 -3.94
C VAL B 43 0.96 8.12 -2.54
N CYS B 44 -0.11 8.36 -1.80
CA CYS B 44 -0.31 7.73 -0.53
C CYS B 44 -1.75 7.95 -0.16
N HIS B 45 -2.26 7.09 0.71
CA HIS B 45 -3.66 7.17 1.08
C HIS B 45 -3.84 7.25 2.58
N SER B 46 -2.75 7.48 3.27
CA SER B 46 -2.76 7.38 4.71
C SER B 46 -2.61 8.72 5.41
N MET B 47 -2.76 9.82 4.66
CA MET B 47 -2.71 11.15 5.29
C MET B 47 -3.71 11.23 6.43
N THR B 48 -3.41 12.03 7.44
CA THR B 48 -4.38 12.32 8.49
C THR B 48 -5.63 12.86 7.80
N PRO B 49 -6.77 12.18 7.98
CA PRO B 49 -7.98 12.67 7.36
C PRO B 49 -8.23 14.14 7.68
N TRP B 50 -8.58 14.89 6.63
CA TRP B 50 -9.02 16.28 6.73
C TRP B 50 -7.90 17.27 7.04
N ASP B 51 -6.65 16.77 7.10
CA ASP B 51 -5.52 17.64 7.40
C ASP B 51 -4.99 18.12 6.06
N VAL B 52 -5.58 19.21 5.56
CA VAL B 52 -5.25 19.71 4.24
C VAL B 52 -3.80 20.14 4.15
N GLU B 53 -3.25 20.69 5.23
CA GLU B 53 -1.83 21.07 5.23
C GLU B 53 -0.90 19.85 5.08
N GLU B 54 -1.26 18.73 5.69
CA GLU B 54 -0.46 17.51 5.54
C GLU B 54 -0.58 16.98 4.12
N GLY B 55 -1.82 16.89 3.62
CA GLY B 55 -2.08 16.45 2.27
C GLY B 55 -1.34 17.32 1.26
N ALA B 56 -1.32 18.63 1.51
CA ALA B 56 -0.62 19.54 0.63
C ALA B 56 0.83 19.08 0.46
N ARG B 57 1.46 18.72 1.59
CA ARG B 57 2.85 18.29 1.60
C ARG B 57 3.14 17.10 0.73
N TYR B 58 2.20 16.16 0.65
CA TYR B 58 2.38 14.96 -0.16
C TYR B 58 2.22 15.17 -1.64
N ILE B 59 1.75 16.35 -2.07
CA ILE B 59 1.42 16.59 -3.48
C ILE B 59 2.20 17.72 -4.11
N VAL B 60 2.69 18.63 -3.28
CA VAL B 60 3.34 19.84 -3.78
C VAL B 60 4.61 19.59 -4.62
N ASP B 61 5.44 18.61 -4.26
CA ASP B 61 6.67 18.44 -5.05
C ASP B 61 6.57 17.34 -6.10
N LEU B 62 5.35 16.94 -6.44
CA LEU B 62 5.16 15.83 -7.38
C LEU B 62 5.51 16.08 -8.85
N PRO B 63 5.09 17.23 -9.43
CA PRO B 63 5.15 17.45 -10.87
C PRO B 63 6.48 17.10 -11.54
N ARG B 64 7.60 17.50 -10.96
CA ARG B 64 8.92 17.32 -11.63
C ARG B 64 9.27 15.84 -11.81
N PHE B 65 8.69 15.02 -10.95
CA PHE B 65 8.94 13.58 -11.00
C PHE B 65 8.12 12.85 -12.03
N PHE B 66 7.09 13.49 -12.57
CA PHE B 66 6.14 12.82 -13.46
C PHE B 66 6.20 13.29 -14.87
N PRO B 67 5.90 12.41 -15.85
CA PRO B 67 5.80 12.87 -17.23
C PRO B 67 4.79 13.98 -17.33
N GLU B 68 5.12 14.97 -18.15
CA GLU B 68 4.19 16.01 -18.48
C GLU B 68 2.88 15.44 -18.96
N GLY B 69 1.80 16.09 -18.54
CA GLY B 69 0.46 15.66 -18.86
C GLY B 69 -0.14 14.80 -17.77
N THR B 70 0.67 14.47 -16.76
CA THR B 70 0.18 13.73 -15.60
C THR B 70 -0.92 14.54 -14.89
N VAL B 71 -1.91 13.82 -14.35
CA VAL B 71 -3.03 14.43 -13.68
C VAL B 71 -2.91 14.01 -12.24
N PHE B 72 -2.96 14.98 -11.33
CA PHE B 72 -2.86 14.69 -9.91
C PHE B 72 -4.23 14.79 -9.32
N ALA B 73 -4.75 13.62 -8.96
CA ALA B 73 -6.03 13.51 -8.31
C ALA B 73 -5.71 13.48 -6.82
N THR B 74 -5.93 14.59 -6.13
CA THR B 74 -5.49 14.76 -4.76
C THR B 74 -6.64 15.18 -3.87
N THR B 75 -6.92 14.42 -2.82
CA THR B 75 -8.17 14.63 -2.13
C THR B 75 -8.26 14.23 -0.66
N THR B 76 -8.62 15.20 0.17
CA THR B 76 -9.26 14.91 1.43
C THR B 76 -10.53 15.76 1.38
N TYR B 77 -11.67 15.14 1.57
CA TYR B 77 -12.91 15.79 1.22
C TYR B 77 -13.90 15.87 2.39
N PRO B 78 -13.54 16.59 3.50
CA PRO B 78 -14.47 16.65 4.63
C PRO B 78 -15.81 17.33 4.31
N ALA B 79 -15.83 18.17 3.26
CA ALA B 79 -17.05 18.83 2.82
C ALA B 79 -17.84 17.99 1.80
N THR B 80 -17.48 16.72 1.69
CA THR B 80 -18.23 15.76 0.86
C THR B 80 -19.74 15.82 1.10
N GLY B 81 -20.52 15.83 0.02
CA GLY B 81 -21.97 15.75 0.10
C GLY B 81 -22.63 17.11 0.13
N THR B 82 -21.80 18.16 0.11
CA THR B 82 -22.29 19.51 0.10
C THR B 82 -22.23 20.06 -1.32
N THR B 83 -22.64 21.32 -1.44
CA THR B 83 -22.72 22.02 -2.72
C THR B 83 -21.34 22.51 -3.18
N THR B 84 -20.31 22.22 -2.40
CA THR B 84 -18.94 22.49 -2.82
C THR B 84 -18.59 21.64 -4.05
N ARG B 85 -17.76 22.19 -4.90
CA ARG B 85 -17.32 21.49 -6.08
C ARG B 85 -15.82 21.59 -6.12
N SER B 86 -15.17 20.56 -6.64
CA SER B 86 -13.72 20.53 -6.74
C SER B 86 -13.19 21.64 -7.65
N VAL B 87 -11.90 21.90 -7.54
CA VAL B 87 -11.22 22.82 -8.46
C VAL B 87 -10.29 21.98 -9.30
N ALA B 88 -10.21 22.29 -10.58
CA ALA B 88 -9.26 21.64 -11.46
C ALA B 88 -8.35 22.76 -11.97
N VAL B 89 -7.05 22.60 -11.79
CA VAL B 89 -6.10 23.66 -12.12
C VAL B 89 -5.02 23.14 -13.04
N ARG B 90 -4.59 23.95 -13.98
CA ARG B 90 -3.39 23.62 -14.71
C ARG B 90 -2.30 24.48 -14.09
N ILE B 91 -1.25 23.85 -13.57
CA ILE B 91 -0.19 24.61 -12.94
C ILE B 91 0.69 25.22 -14.01
N LYS B 92 1.53 26.17 -13.59
CA LYS B 92 2.43 26.87 -14.48
C LYS B 92 3.78 26.18 -14.38
N GLN B 93 4.56 26.52 -13.37
CA GLN B 93 5.90 25.94 -13.30
C GLN B 93 5.86 24.57 -12.66
N ALA B 94 6.53 23.60 -13.27
CA ALA B 94 6.67 22.27 -12.68
C ALA B 94 7.56 22.38 -11.46
N ALA B 95 8.54 23.27 -11.54
CA ALA B 95 9.38 23.75 -10.44
C ALA B 95 10.42 22.74 -9.99
N LYS B 96 11.68 23.17 -9.98
CA LYS B 96 12.75 22.37 -9.40
C LYS B 96 12.52 22.16 -7.90
N GLY B 97 13.38 21.38 -7.29
CA GLY B 97 13.25 21.11 -5.87
C GLY B 97 14.43 20.37 -5.28
N GLY B 98 14.23 19.86 -4.07
CA GLY B 98 15.28 19.16 -3.37
C GLY B 98 16.16 20.11 -2.59
N ALA B 99 17.19 19.57 -1.95
CA ALA B 99 18.10 20.36 -1.12
C ALA B 99 18.77 21.45 -1.93
N ARG B 100 19.04 21.19 -3.21
CA ARG B 100 19.68 22.15 -4.11
C ARG B 100 18.70 23.07 -4.81
N GLY B 101 17.62 22.50 -5.34
CA GLY B 101 16.79 23.17 -6.33
C GLY B 101 17.26 22.71 -7.70
N GLN B 102 16.85 21.49 -8.07
CA GLN B 102 17.26 20.88 -9.33
C GLN B 102 16.09 20.13 -10.00
N TRP B 103 16.21 19.89 -11.30
CA TRP B 103 15.33 18.92 -11.96
C TRP B 103 15.63 17.50 -11.50
N ALA B 104 14.61 16.64 -11.52
CA ALA B 104 14.73 15.27 -11.02
C ALA B 104 15.05 14.33 -12.18
N GLY B 105 15.83 13.28 -11.89
CA GLY B 105 16.21 12.29 -12.88
C GLY B 105 17.72 12.16 -13.01
N SER B 106 18.14 11.20 -13.85
CA SER B 106 19.56 10.97 -14.15
C SER B 106 20.11 12.11 -14.99
N GLY B 107 21.43 12.16 -15.14
CA GLY B 107 22.10 13.29 -15.80
C GLY B 107 21.75 14.57 -15.07
N ALA B 108 21.37 15.59 -15.84
CA ALA B 108 21.01 16.92 -15.30
C ALA B 108 19.52 17.00 -14.92
N GLY B 109 18.81 15.89 -15.14
CA GLY B 109 17.41 15.78 -14.76
C GLY B 109 16.44 16.05 -15.90
N PHE B 110 15.18 15.73 -15.68
CA PHE B 110 14.11 16.01 -16.64
C PHE B 110 13.58 17.43 -16.46
N GLU B 111 13.98 18.34 -17.33
CA GLU B 111 13.30 19.61 -17.39
C GLU B 111 11.86 19.36 -17.84
N ARG B 112 10.93 19.91 -17.06
CA ARG B 112 9.51 19.76 -17.35
C ARG B 112 8.98 21.07 -17.91
N ALA B 113 8.23 21.00 -18.99
CA ALA B 113 7.62 22.20 -19.57
C ALA B 113 6.60 22.84 -18.62
N GLU B 114 6.31 24.10 -18.86
CA GLU B 114 5.30 24.83 -18.10
C GLU B 114 3.88 24.43 -18.54
N GLY B 115 2.91 24.64 -17.66
CA GLY B 115 1.52 24.35 -17.98
C GLY B 115 1.28 22.89 -18.28
N SER B 116 2.06 22.02 -17.67
CA SER B 116 2.08 20.61 -18.10
C SER B 116 1.43 19.61 -17.15
N TYR B 117 0.83 20.11 -16.08
CA TYR B 117 0.25 19.25 -15.06
C TYR B 117 -1.05 19.85 -14.62
N ILE B 118 -1.99 18.95 -14.33
CA ILE B 118 -3.28 19.33 -13.82
C ILE B 118 -3.44 18.71 -12.45
N TYR B 119 -3.94 19.50 -11.52
CA TYR B 119 -4.32 18.97 -10.22
C TYR B 119 -5.82 19.11 -10.14
N ILE B 120 -6.47 18.13 -9.53
CA ILE B 120 -7.88 18.26 -9.30
C ILE B 120 -8.06 17.85 -7.85
N ALA B 121 -8.81 18.67 -7.13
CA ALA B 121 -8.87 18.56 -5.69
C ALA B 121 -10.13 19.21 -5.21
N PRO B 122 -10.56 18.87 -4.01
CA PRO B 122 -11.59 19.68 -3.41
C PRO B 122 -11.09 21.11 -3.37
N ASN B 123 -12.00 22.06 -3.43
CA ASN B 123 -11.61 23.44 -3.28
C ASN B 123 -11.67 23.77 -1.80
N ASN B 124 -10.74 23.22 -1.04
CA ASN B 124 -10.69 23.35 0.40
C ASN B 124 -9.30 23.75 0.89
N GLY B 125 -8.46 24.23 -0.02
CA GLY B 125 -7.14 24.70 0.35
C GLY B 125 -6.06 23.66 0.24
N LEU B 126 -6.43 22.44 -0.14
CA LEU B 126 -5.46 21.36 -0.27
C LEU B 126 -4.34 21.70 -1.28
N LEU B 127 -4.68 22.52 -2.27
CA LEU B 127 -3.77 22.90 -3.33
C LEU B 127 -3.02 24.19 -3.03
N THR B 128 -3.14 24.69 -1.80
CA THR B 128 -2.56 26.01 -1.44
C THR B 128 -1.09 26.11 -1.86
N THR B 129 -0.29 25.16 -1.38
CA THR B 129 1.14 25.22 -1.63
C THR B 129 1.45 24.85 -3.06
N VAL B 130 0.67 23.93 -3.63
CA VAL B 130 0.77 23.64 -5.07
C VAL B 130 0.73 24.94 -5.89
N LEU B 131 -0.26 25.79 -5.61
CA LEU B 131 -0.43 27.05 -6.36
C LEU B 131 0.61 28.08 -5.98
N GLU B 132 0.97 28.08 -4.72
CA GLU B 132 1.96 28.99 -4.20
C GLU B 132 3.31 28.69 -4.87
N GLU B 133 3.65 27.41 -4.97
CA GLU B 133 4.97 27.03 -5.44
C GLU B 133 5.07 26.83 -6.95
N HIS B 134 3.97 26.45 -7.58
CA HIS B 134 3.98 26.19 -9.02
C HIS B 134 3.32 27.33 -9.79
N GLY B 135 2.41 28.03 -9.14
CA GLY B 135 1.58 29.02 -9.82
C GLY B 135 0.55 28.25 -10.59
N TYR B 136 -0.35 28.95 -11.29
CA TYR B 136 -1.31 28.28 -12.15
C TYR B 136 -1.67 29.14 -13.36
N LEU B 137 -2.16 28.48 -14.41
CA LEU B 137 -2.47 29.15 -15.66
C LEU B 137 -3.96 29.35 -15.79
N GLU B 138 -4.71 28.40 -15.24
CA GLU B 138 -6.15 28.42 -15.35
C GLU B 138 -6.67 27.48 -14.27
N ALA B 139 -7.89 27.73 -13.82
CA ALA B 139 -8.53 27.01 -12.74
C ALA B 139 -10.02 27.07 -12.98
N TYR B 140 -10.63 25.92 -12.81
CA TYR B 140 -12.03 25.75 -13.13
C TYR B 140 -12.71 25.01 -12.00
N GLU B 141 -13.98 25.34 -11.79
CA GLU B 141 -14.82 24.59 -10.88
C GLU B 141 -15.31 23.36 -11.63
N VAL B 142 -15.33 22.23 -10.96
CA VAL B 142 -15.67 20.97 -11.59
C VAL B 142 -17.15 20.71 -11.39
N THR B 143 -17.93 21.07 -12.40
CA THR B 143 -19.39 20.97 -12.31
C THR B 143 -20.05 20.15 -13.41
N SER B 144 -19.38 19.93 -14.53
CA SER B 144 -20.03 19.33 -15.69
C SER B 144 -20.45 17.90 -15.45
N PRO B 145 -21.70 17.54 -15.80
CA PRO B 145 -22.12 16.15 -15.65
C PRO B 145 -21.34 15.18 -16.53
N LYS B 146 -20.51 15.71 -17.44
CA LYS B 146 -19.67 14.87 -18.29
C LYS B 146 -18.50 14.29 -17.50
N VAL B 147 -18.12 14.97 -16.42
CA VAL B 147 -16.96 14.56 -15.64
C VAL B 147 -17.26 14.20 -14.17
N ILE B 148 -18.46 14.54 -13.70
CA ILE B 148 -18.85 14.12 -12.34
C ILE B 148 -20.19 13.41 -12.42
N PRO B 149 -20.54 12.63 -11.38
CA PRO B 149 -21.87 12.03 -11.38
C PRO B 149 -22.95 13.09 -11.24
N GLU B 150 -24.09 12.84 -11.88
CA GLU B 150 -25.27 13.69 -11.74
C GLU B 150 -25.89 13.48 -10.36
N GLN B 151 -25.72 12.27 -9.83
CA GLN B 151 -26.15 11.97 -8.47
C GLN B 151 -24.95 11.48 -7.68
N PRO B 152 -24.10 12.42 -7.24
CA PRO B 152 -22.92 12.00 -6.48
C PRO B 152 -23.22 11.36 -5.11
N GLU B 153 -22.51 10.28 -4.80
CA GLU B 153 -22.55 9.69 -3.47
C GLU B 153 -22.20 10.78 -2.47
N PRO B 154 -23.13 11.12 -1.56
CA PRO B 154 -22.89 12.19 -0.59
C PRO B 154 -21.61 12.07 0.25
N THR B 155 -21.27 10.88 0.71
CA THR B 155 -20.11 10.70 1.57
C THR B 155 -18.81 10.37 0.82
N PHE B 156 -18.85 10.43 -0.50
CA PHE B 156 -17.70 9.96 -1.25
C PHE B 156 -17.31 10.88 -2.39
N TYR B 157 -17.24 12.18 -2.07
CA TYR B 157 -16.81 13.16 -3.04
C TYR B 157 -15.38 12.97 -3.50
N SER B 158 -14.54 12.28 -2.71
CA SER B 158 -13.19 11.95 -3.17
C SER B 158 -13.21 11.10 -4.45
N ARG B 159 -14.19 10.20 -4.53
CA ARG B 159 -14.46 9.39 -5.72
C ARG B 159 -15.20 10.23 -6.78
N GLU B 160 -16.33 10.81 -6.40
CA GLU B 160 -17.23 11.44 -7.35
C GLU B 160 -16.68 12.69 -7.98
N MET B 161 -15.95 13.47 -7.19
CA MET B 161 -15.62 14.86 -7.53
C MET B 161 -14.14 15.04 -7.74
N VAL B 162 -13.42 13.94 -7.61
CA VAL B 162 -11.98 13.94 -7.80
C VAL B 162 -11.55 12.76 -8.67
N ALA B 163 -11.71 11.53 -8.17
CA ALA B 163 -11.28 10.36 -8.96
C ALA B 163 -11.95 10.32 -10.33
N ILE B 164 -13.28 10.38 -10.36
CA ILE B 164 -14.01 10.38 -11.63
C ILE B 164 -13.55 11.48 -12.61
N PRO B 165 -13.66 12.79 -12.23
CA PRO B 165 -13.23 13.78 -13.20
C PRO B 165 -11.75 13.72 -13.56
N SER B 166 -10.89 13.27 -12.62
CA SER B 166 -9.47 13.12 -12.90
C SER B 166 -9.25 12.16 -14.08
N ALA B 167 -10.05 11.10 -14.14
CA ALA B 167 -9.91 10.10 -15.21
C ALA B 167 -10.35 10.68 -16.55
N HIS B 168 -11.41 11.47 -16.55
CA HIS B 168 -11.82 12.19 -17.76
C HIS B 168 -10.72 13.14 -18.22
N LEU B 169 -10.12 13.88 -17.29
CA LEU B 169 -9.04 14.79 -17.66
C LEU B 169 -7.87 14.02 -18.26
N ALA B 170 -7.51 12.91 -17.63
CA ALA B 170 -6.47 12.04 -18.12
C ALA B 170 -6.83 11.49 -19.51
N ALA B 171 -8.12 11.30 -19.76
CA ALA B 171 -8.62 10.75 -21.02
C ALA B 171 -8.66 11.81 -22.11
N GLY B 172 -8.32 13.06 -21.76
CA GLY B 172 -8.26 14.14 -22.75
C GLY B 172 -9.43 15.10 -22.70
N PHE B 173 -10.29 14.96 -21.71
CA PHE B 173 -11.39 15.89 -21.52
C PHE B 173 -10.83 17.30 -21.31
N PRO B 174 -11.26 18.28 -22.14
CA PRO B 174 -10.64 19.61 -22.06
C PRO B 174 -10.85 20.22 -20.68
N LEU B 175 -9.76 20.70 -20.07
CA LEU B 175 -9.81 21.30 -18.75
C LEU B 175 -10.85 22.39 -18.60
N SER B 176 -10.87 23.33 -19.54
CA SER B 176 -11.81 24.47 -19.53
C SER B 176 -13.28 24.10 -19.64
N GLU B 177 -13.56 22.83 -19.91
CA GLU B 177 -14.95 22.39 -20.07
C GLU B 177 -15.54 21.75 -18.81
N VAL B 178 -14.75 21.67 -17.75
CA VAL B 178 -15.23 21.00 -16.52
C VAL B 178 -16.27 21.83 -15.78
N GLY B 179 -16.30 23.13 -16.08
CA GLY B 179 -17.15 24.06 -15.38
C GLY B 179 -16.53 25.43 -15.54
N ARG B 180 -17.08 26.41 -14.82
CA ARG B 180 -16.70 27.80 -15.01
C ARG B 180 -15.31 28.10 -14.47
N PRO B 181 -14.60 29.06 -15.11
CA PRO B 181 -13.31 29.47 -14.55
C PRO B 181 -13.52 30.05 -13.16
N LEU B 182 -12.57 29.79 -12.27
CA LEU B 182 -12.57 30.36 -10.93
C LEU B 182 -11.60 31.53 -10.87
N GLU B 183 -12.07 32.63 -10.25
CA GLU B 183 -11.21 33.75 -9.92
C GLU B 183 -10.31 33.36 -8.75
N ASP B 184 -9.15 34.00 -8.64
CA ASP B 184 -8.17 33.58 -7.65
C ASP B 184 -8.77 33.55 -6.24
N HIS B 185 -9.60 34.54 -5.95
CA HIS B 185 -10.19 34.66 -4.60
C HIS B 185 -11.16 33.53 -4.27
N GLU B 186 -11.65 32.84 -5.29
CA GLU B 186 -12.55 31.69 -5.12
C GLU B 186 -11.82 30.37 -4.84
N ILE B 187 -10.51 30.37 -5.01
CA ILE B 187 -9.72 29.21 -4.69
C ILE B 187 -9.30 29.35 -3.24
N VAL B 188 -9.86 28.49 -2.41
CA VAL B 188 -9.62 28.48 -0.98
C VAL B 188 -8.15 28.20 -0.73
N ARG B 189 -7.57 28.97 0.19
CA ARG B 189 -6.20 28.75 0.63
C ARG B 189 -6.21 28.60 2.13
N PHE B 190 -5.29 27.80 2.65
CA PHE B 190 -5.02 27.78 4.08
C PHE B 190 -3.83 28.70 4.30
N ASN B 191 -3.66 29.19 5.52
CA ASN B 191 -2.55 30.10 5.76
C ASN B 191 -1.29 29.30 6.12
N ARG B 192 -0.18 29.64 5.47
CA ARG B 192 1.10 29.08 5.85
C ARG B 192 1.75 30.09 6.79
N PRO B 193 2.01 29.68 8.05
CA PRO B 193 2.70 30.58 8.99
C PRO B 193 4.14 30.75 8.56
N ALA B 194 4.57 32.01 8.39
CA ALA B 194 5.91 32.32 7.91
C ALA B 194 6.99 31.90 8.92
N VAL B 195 8.19 31.62 8.40
CA VAL B 195 9.37 31.49 9.25
C VAL B 195 9.78 32.92 9.62
N GLU B 196 9.80 33.22 10.91
CA GLU B 196 10.10 34.58 11.38
C GLU B 196 11.58 34.75 11.72
N GLN B 197 12.12 35.93 11.40
CA GLN B 197 13.45 36.31 11.83
C GLN B 197 13.32 36.85 13.26
N ASP B 198 13.89 36.11 14.22
CA ASP B 198 13.90 36.54 15.62
C ASP B 198 15.35 36.67 16.09
N GLY B 199 16.02 37.72 15.59
CA GLY B 199 17.43 37.97 15.84
C GLY B 199 18.29 37.44 14.70
N GLU B 200 19.30 36.66 15.05
CA GLU B 200 20.09 35.89 14.10
C GLU B 200 19.34 34.60 13.76
N ALA B 201 18.36 34.28 14.62
CA ALA B 201 17.60 33.03 14.57
C ALA B 201 16.49 33.01 13.52
N LEU B 202 16.25 31.83 12.98
CA LEU B 202 15.05 31.59 12.20
C LEU B 202 14.13 30.71 13.04
N VAL B 203 12.92 31.19 13.27
CA VAL B 203 11.94 30.51 14.11
C VAL B 203 10.82 29.93 13.25
N GLY B 204 10.72 28.60 13.26
CA GLY B 204 9.71 27.88 12.51
C GLY B 204 9.09 26.83 13.40
N VAL B 205 8.56 25.79 12.76
CA VAL B 205 7.97 24.67 13.48
C VAL B 205 8.53 23.35 12.94
N VAL B 206 8.25 22.26 13.66
CA VAL B 206 8.40 20.92 13.12
C VAL B 206 7.17 20.72 12.24
N SER B 207 7.41 20.63 10.93
CA SER B 207 6.32 20.55 9.98
C SER B 207 5.85 19.12 9.79
N ALA B 208 6.75 18.16 10.02
CA ALA B 208 6.48 16.76 9.75
C ALA B 208 7.49 15.89 10.46
N ILE B 209 7.02 14.76 10.98
CA ILE B 209 7.92 13.69 11.34
C ILE B 209 8.03 12.85 10.09
N ASP B 210 9.25 12.57 9.69
CA ASP B 210 9.46 11.92 8.42
C ASP B 210 9.41 10.42 8.65
N HIS B 211 8.25 9.83 8.38
CA HIS B 211 8.07 8.36 8.52
C HIS B 211 8.64 7.63 7.32
N PRO B 212 9.14 6.40 7.52
CA PRO B 212 9.23 5.58 8.73
C PRO B 212 10.53 5.79 9.52
N PHE B 213 11.27 6.84 9.24
CA PHE B 213 12.62 6.97 9.80
C PHE B 213 12.67 7.69 11.13
N GLY B 214 11.68 8.54 11.39
CA GLY B 214 11.67 9.39 12.57
C GLY B 214 12.57 10.59 12.42
N ASN B 215 12.84 11.01 11.19
CA ASN B 215 13.56 12.25 10.99
C ASN B 215 12.63 13.42 11.29
N VAL B 216 13.21 14.56 11.66
CA VAL B 216 12.40 15.71 11.99
C VAL B 216 12.53 16.74 10.90
N TRP B 217 11.41 17.07 10.25
CA TRP B 217 11.37 18.07 9.19
C TRP B 217 10.83 19.38 9.75
N THR B 218 11.47 20.48 9.39
CA THR B 218 10.99 21.83 9.78
C THR B 218 10.46 22.54 8.54
N ASN B 219 9.72 23.63 8.76
CA ASN B 219 9.27 24.49 7.67
C ASN B 219 10.29 25.59 7.40
N ILE B 220 11.51 25.40 7.90
CA ILE B 220 12.59 26.36 7.66
C ILE B 220 13.30 25.96 6.38
N HIS B 221 13.13 26.80 5.35
CA HIS B 221 13.55 26.43 4.01
C HIS B 221 14.99 26.81 3.74
N ARG B 222 15.63 26.12 2.82
CA ARG B 222 16.95 26.52 2.37
C ARG B 222 17.00 28.02 2.08
N THR B 223 15.97 28.55 1.42
CA THR B 223 15.91 30.00 1.11
C THR B 223 15.91 30.87 2.36
N ASP B 224 15.27 30.39 3.43
CA ASP B 224 15.32 31.07 4.72
C ASP B 224 16.74 31.02 5.26
N LEU B 225 17.41 29.88 5.10
CA LEU B 225 18.77 29.70 5.57
C LEU B 225 19.77 30.52 4.76
N GLU B 226 19.67 30.43 3.43
CA GLU B 226 20.59 31.08 2.50
C GLU B 226 20.67 32.58 2.74
N LYS B 227 19.49 33.16 3.01
CA LYS B 227 19.36 34.58 3.28
C LYS B 227 19.63 34.94 4.75
N ALA B 228 19.95 33.94 5.57
CA ALA B 228 20.58 34.19 6.87
C ALA B 228 22.09 33.90 6.77
N GLY B 229 22.49 33.35 5.63
CA GLY B 229 23.89 33.06 5.36
C GLY B 229 24.30 31.63 5.69
N ILE B 230 23.30 30.82 6.06
CA ILE B 230 23.54 29.45 6.53
C ILE B 230 23.62 28.47 5.36
N GLY B 231 24.80 27.90 5.18
CA GLY B 231 25.04 26.83 4.20
C GLY B 231 25.70 25.62 4.85
N TYR B 232 25.90 24.58 4.04
CA TYR B 232 26.58 23.37 4.48
C TYR B 232 27.90 23.73 5.14
N GLY B 233 28.14 23.14 6.31
CA GLY B 233 29.30 23.45 7.11
C GLY B 233 29.04 24.40 8.26
N ALA B 234 27.98 25.22 8.14
CA ALA B 234 27.64 26.18 9.19
C ALA B 234 27.32 25.43 10.48
N ARG B 235 27.93 25.84 11.58
CA ARG B 235 27.66 25.22 12.88
C ARG B 235 26.37 25.78 13.45
N LEU B 236 25.36 24.94 13.58
CA LEU B 236 24.04 25.38 13.99
C LEU B 236 23.66 24.87 15.36
N ARG B 237 22.91 25.70 16.08
CA ARG B 237 22.05 25.24 17.15
C ARG B 237 20.65 25.17 16.54
N LEU B 238 20.08 23.98 16.49
CA LEU B 238 18.68 23.79 16.11
C LEU B 238 17.92 23.41 17.38
N THR B 239 17.15 24.35 17.91
CA THR B 239 16.39 24.09 19.15
C THR B 239 15.01 23.57 18.80
N LEU B 240 14.67 22.38 19.28
CA LEU B 240 13.32 21.87 19.09
C LEU B 240 12.55 21.94 20.40
N ASP B 241 11.23 22.13 20.28
CA ASP B 241 10.31 22.06 21.43
C ASP B 241 10.71 23.06 22.54
N GLY B 242 11.41 24.12 22.13
CA GLY B 242 11.87 25.16 23.06
C GLY B 242 12.99 24.81 24.03
N VAL B 243 13.30 23.53 24.17
CA VAL B 243 14.18 23.08 25.29
C VAL B 243 15.25 22.08 24.85
N LEU B 244 15.25 21.76 23.56
CA LEU B 244 16.20 20.81 23.02
C LEU B 244 17.08 21.51 22.02
N PRO B 245 18.14 22.16 22.49
CA PRO B 245 19.15 22.53 21.52
C PRO B 245 19.31 21.26 20.72
N PHE B 246 19.90 21.35 19.56
CA PHE B 246 20.75 20.31 19.08
C PHE B 246 21.88 21.09 18.43
N GLU B 247 23.06 20.54 18.41
CA GLU B 247 24.14 21.20 17.76
C GLU B 247 24.85 20.26 16.81
N ALA B 248 24.86 20.64 15.54
CA ALA B 248 25.63 19.96 14.52
C ALA B 248 25.98 20.93 13.41
N PRO B 249 27.01 20.62 12.62
CA PRO B 249 27.09 21.39 11.38
C PRO B 249 25.89 21.03 10.49
N LEU B 250 25.45 21.97 9.66
CA LEU B 250 24.55 21.62 8.57
C LEU B 250 25.35 20.76 7.59
N THR B 251 24.92 19.53 7.38
CA THR B 251 25.63 18.64 6.48
C THR B 251 24.64 18.14 5.45
N PRO B 252 25.12 17.77 4.25
CA PRO B 252 24.23 17.23 3.23
C PRO B 252 23.42 16.01 3.63
N THR B 253 24.00 15.11 4.42
CA THR B 253 23.37 13.83 4.64
C THR B 253 23.61 13.31 6.05
N PHE B 254 22.87 12.28 6.39
CA PHE B 254 22.89 11.62 7.69
C PHE B 254 24.27 11.11 8.12
N ALA B 255 24.98 10.47 7.19
CA ALA B 255 26.25 9.81 7.52
C ALA B 255 27.35 10.78 7.93
N ASP B 256 27.16 12.07 7.61
CA ASP B 256 28.17 13.06 7.94
C ASP B 256 28.25 13.28 9.45
N ALA B 257 27.25 12.77 10.16
CA ALA B 257 27.23 12.85 11.62
C ALA B 257 28.21 11.85 12.23
N GLY B 258 28.75 10.94 11.41
CA GLY B 258 29.72 9.98 11.87
C GLY B 258 29.08 8.71 12.39
N GLU B 259 29.36 8.39 13.66
CA GLU B 259 28.81 7.19 14.30
C GLU B 259 27.29 7.10 14.07
N ILE B 260 26.79 5.88 13.83
CA ILE B 260 25.36 5.61 13.85
C ILE B 260 24.73 6.21 15.12
N GLY B 261 23.60 6.89 14.95
CA GLY B 261 22.88 7.49 16.06
C GLY B 261 23.24 8.94 16.34
N ASN B 262 24.29 9.43 15.70
CA ASN B 262 24.70 10.80 15.93
C ASN B 262 23.73 11.75 15.27
N ILE B 263 23.64 12.97 15.81
CA ILE B 263 22.72 13.96 15.28
C ILE B 263 23.21 14.51 13.94
N ALA B 264 22.33 14.49 12.95
CA ALA B 264 22.57 15.21 11.72
C ALA B 264 21.57 16.37 11.58
N ILE B 265 22.07 17.55 11.25
CA ILE B 265 21.22 18.65 10.82
C ILE B 265 21.51 18.78 9.33
N TYR B 266 20.46 18.78 8.51
CA TYR B 266 20.63 18.69 7.07
C TYR B 266 19.48 19.35 6.31
N LEU B 267 19.57 19.32 4.99
CA LEU B 267 18.47 19.74 4.14
C LEU B 267 17.83 18.51 3.54
N ASN B 268 16.53 18.36 3.83
CA ASN B 268 15.77 17.22 3.35
C ASN B 268 15.52 17.34 1.84
N SER B 269 14.99 16.27 1.25
CA SER B 269 14.79 16.17 -0.20
C SER B 269 13.77 17.15 -0.72
N ARG B 270 13.09 17.84 0.18
CA ARG B 270 12.05 18.80 -0.22
C ARG B 270 12.63 20.20 -0.17
N GLY B 271 13.84 20.30 0.39
CA GLY B 271 14.57 21.56 0.48
C GLY B 271 14.57 22.21 1.84
N TYR B 272 14.10 21.51 2.86
CA TYR B 272 13.88 22.11 4.18
C TYR B 272 14.86 21.67 5.26
N LEU B 273 15.13 22.57 6.19
CA LEU B 273 15.96 22.27 7.32
C LEU B 273 15.37 21.12 8.12
N SER B 274 16.22 20.12 8.37
CA SER B 274 15.78 18.91 9.02
C SER B 274 16.83 18.48 10.01
N ILE B 275 16.40 17.61 10.93
CA ILE B 275 17.29 17.03 11.90
C ILE B 275 16.90 15.57 12.08
N ALA B 276 17.92 14.75 12.28
CA ALA B 276 17.75 13.32 12.30
C ALA B 276 18.93 12.77 13.03
N ARG B 277 18.90 11.48 13.28
CA ARG B 277 20.08 10.76 13.70
C ARG B 277 20.58 9.93 12.54
N ASN B 278 21.88 9.63 12.57
CA ASN B 278 22.48 8.84 11.52
C ASN B 278 22.08 7.35 11.63
N ALA B 279 21.20 6.91 10.73
CA ALA B 279 20.72 5.52 10.71
C ALA B 279 20.11 5.11 12.06
N ALA B 280 19.36 6.06 12.65
CA ALA B 280 18.64 5.85 13.90
C ALA B 280 17.49 6.82 13.92
N SER B 281 16.49 6.55 14.75
CA SER B 281 15.32 7.41 14.78
C SER B 281 15.50 8.47 15.83
N LEU B 282 15.36 9.71 15.39
CA LEU B 282 15.37 10.83 16.32
C LEU B 282 13.99 10.97 16.99
N ALA B 283 12.94 11.02 16.18
CA ALA B 283 11.61 11.42 16.65
C ALA B 283 10.95 10.38 17.54
N TYR B 284 11.13 9.12 17.18
CA TYR B 284 10.33 8.05 17.78
C TYR B 284 10.63 7.76 19.25
N PRO B 285 11.92 7.54 19.58
CA PRO B 285 12.20 7.25 20.99
C PRO B 285 11.78 8.35 21.94
N TYR B 286 11.82 9.60 21.47
CA TYR B 286 11.54 10.76 22.34
C TYR B 286 10.20 11.39 22.04
N HIS B 287 9.42 10.74 21.17
CA HIS B 287 8.06 11.18 20.84
C HIS B 287 8.02 12.64 20.40
N LEU B 288 8.97 13.01 19.55
CA LEU B 288 8.97 14.32 18.95
C LEU B 288 7.83 14.32 17.93
N LYS B 289 7.17 15.46 17.78
CA LYS B 289 5.96 15.53 16.97
C LYS B 289 5.96 16.80 16.14
N GLU B 290 5.16 16.77 15.07
CA GLU B 290 4.79 17.92 14.29
C GLU B 290 4.15 18.99 15.18
N GLY B 291 4.44 20.26 14.89
CA GLY B 291 3.85 21.37 15.63
C GLY B 291 4.75 21.89 16.74
N MET B 292 5.78 21.12 17.08
CA MET B 292 6.79 21.54 18.03
C MET B 292 7.61 22.67 17.39
N SER B 293 8.06 23.62 18.21
CA SER B 293 8.82 24.76 17.72
C SER B 293 10.18 24.35 17.18
N ALA B 294 10.68 25.13 16.23
CA ALA B 294 11.97 24.87 15.64
C ALA B 294 12.69 26.18 15.37
N ARG B 295 13.73 26.44 16.14
CA ARG B 295 14.55 27.63 15.97
C ARG B 295 15.91 27.21 15.52
N VAL B 296 16.49 27.93 14.55
CA VAL B 296 17.83 27.61 14.10
C VAL B 296 18.69 28.88 14.06
N GLU B 297 19.86 28.79 14.68
CA GLU B 297 20.81 29.91 14.73
C GLU B 297 22.22 29.40 14.49
N ALA B 298 23.06 30.22 13.87
CA ALA B 298 24.42 29.82 13.55
C ALA B 298 25.40 30.18 14.68
N ARG C 8 -7.71 -5.17 -22.38
CA ARG C 8 -6.91 -4.65 -21.24
C ARG C 8 -7.32 -5.35 -19.93
N PRO C 9 -6.83 -6.58 -19.71
CA PRO C 9 -7.30 -7.38 -18.57
C PRO C 9 -6.97 -6.78 -17.20
N ILE C 10 -7.95 -6.81 -16.30
CA ILE C 10 -7.76 -6.32 -14.94
C ILE C 10 -8.01 -7.43 -13.93
N ILE C 11 -7.09 -7.56 -12.99
CA ILE C 11 -7.34 -8.35 -11.79
C ILE C 11 -7.38 -7.38 -10.64
N ALA C 12 -8.51 -7.37 -9.95
CA ALA C 12 -8.63 -6.63 -8.71
C ALA C 12 -8.37 -7.63 -7.57
N PHE C 13 -7.40 -7.30 -6.74
CA PHE C 13 -6.79 -8.26 -5.84
C PHE C 13 -7.00 -7.84 -4.39
N MET C 14 -7.71 -8.67 -3.64
CA MET C 14 -8.00 -8.42 -2.23
C MET C 14 -7.58 -9.67 -1.48
N SER C 15 -6.67 -9.51 -0.54
CA SER C 15 -6.16 -10.66 0.22
C SER C 15 -6.00 -10.29 1.67
N ASP C 16 -5.59 -11.29 2.47
CA ASP C 16 -5.17 -11.04 3.85
C ASP C 16 -3.67 -11.13 3.99
N LEU C 17 -2.95 -10.99 2.89
CA LEU C 17 -1.51 -11.20 2.85
C LEU C 17 -0.68 -10.10 3.51
N GLY C 18 -1.32 -8.95 3.72
CA GLY C 18 -0.66 -7.81 4.33
C GLY C 18 0.14 -7.02 3.33
N THR C 19 0.83 -6.02 3.82
CA THR C 19 1.60 -5.12 2.97
C THR C 19 3.03 -5.05 3.48
N THR C 20 3.47 -6.07 4.21
CA THR C 20 4.75 -5.96 4.91
C THR C 20 5.84 -6.88 4.37
N ASP C 21 5.48 -7.83 3.52
CA ASP C 21 6.49 -8.70 2.91
C ASP C 21 6.23 -8.85 1.42
N ASP C 22 6.86 -9.84 0.81
CA ASP C 22 6.80 -10.05 -0.64
C ASP C 22 5.66 -10.94 -1.10
N SER C 23 4.76 -11.31 -0.18
CA SER C 23 3.64 -12.20 -0.47
C SER C 23 2.76 -11.71 -1.59
N VAL C 24 2.32 -10.46 -1.50
CA VAL C 24 1.48 -9.89 -2.56
C VAL C 24 2.28 -9.78 -3.86
N ALA C 25 3.57 -9.42 -3.76
CA ALA C 25 4.44 -9.33 -4.93
C ALA C 25 4.64 -10.67 -5.66
N GLN C 26 4.78 -11.77 -4.91
CA GLN C 26 4.84 -13.11 -5.49
C GLN C 26 3.62 -13.42 -6.34
N CYS C 27 2.44 -13.08 -5.81
CA CYS C 27 1.19 -13.24 -6.53
C CYS C 27 1.16 -12.39 -7.79
N LYS C 28 1.53 -11.12 -7.66
CA LYS C 28 1.50 -10.20 -8.78
C LYS C 28 2.46 -10.62 -9.89
N GLY C 29 3.66 -11.05 -9.51
CA GLY C 29 4.66 -11.56 -10.45
C GLY C 29 4.11 -12.66 -11.32
N LEU C 30 3.45 -13.61 -10.69
CA LEU C 30 2.81 -14.72 -11.40
C LEU C 30 1.65 -14.25 -12.27
N MET C 31 0.92 -13.25 -11.80
CA MET C 31 -0.18 -12.65 -12.55
C MET C 31 0.32 -12.06 -13.86
N TYR C 32 1.38 -11.27 -13.78
CA TYR C 32 2.06 -10.70 -14.96
C TYR C 32 2.74 -11.78 -15.81
N SER C 33 3.30 -12.82 -15.18
CA SER C 33 3.85 -13.97 -15.92
C SER C 33 2.79 -14.61 -16.81
N ILE C 34 1.59 -14.79 -16.26
CA ILE C 34 0.52 -15.55 -16.92
C ILE C 34 -0.30 -14.69 -17.88
N CYS C 35 -0.49 -13.44 -17.51
CA CYS C 35 -1.29 -12.52 -18.30
C CYS C 35 -0.46 -11.26 -18.44
N PRO C 36 0.45 -11.22 -19.42
CA PRO C 36 1.40 -10.08 -19.47
C PRO C 36 0.75 -8.70 -19.61
N ASP C 37 -0.38 -8.61 -20.31
CA ASP C 37 -1.04 -7.31 -20.48
C ASP C 37 -1.95 -6.92 -19.32
N VAL C 38 -1.91 -7.68 -18.23
CA VAL C 38 -2.82 -7.46 -17.11
C VAL C 38 -2.50 -6.18 -16.34
N THR C 39 -3.52 -5.60 -15.73
CA THR C 39 -3.34 -4.54 -14.75
C THR C 39 -3.82 -5.13 -13.47
N VAL C 40 -2.93 -5.24 -12.49
CA VAL C 40 -3.35 -5.64 -11.17
C VAL C 40 -3.67 -4.42 -10.32
N VAL C 41 -4.91 -4.37 -9.86
CA VAL C 41 -5.42 -3.33 -9.00
C VAL C 41 -5.61 -3.91 -7.60
N ASP C 42 -4.93 -3.32 -6.63
CA ASP C 42 -5.08 -3.78 -5.27
C ASP C 42 -6.39 -3.25 -4.72
N VAL C 43 -7.14 -4.11 -4.04
CA VAL C 43 -8.28 -3.62 -3.30
C VAL C 43 -7.73 -3.21 -1.95
N CYS C 44 -7.43 -4.21 -1.13
CA CYS C 44 -6.68 -4.03 0.08
C CYS C 44 -6.12 -5.40 0.44
N HIS C 45 -5.14 -5.37 1.33
CA HIS C 45 -4.45 -6.57 1.71
C HIS C 45 -4.35 -6.65 3.21
N SER C 46 -5.09 -5.79 3.90
CA SER C 46 -4.88 -5.59 5.32
C SER C 46 -6.02 -6.16 6.15
N MET C 47 -6.94 -6.89 5.52
CA MET C 47 -8.08 -7.45 6.24
C MET C 47 -7.58 -8.31 7.40
N THR C 48 -8.34 -8.31 8.49
CA THR C 48 -8.14 -9.26 9.55
C THR C 48 -7.99 -10.67 8.96
N PRO C 49 -6.83 -11.31 9.16
CA PRO C 49 -6.67 -12.64 8.58
C PRO C 49 -7.83 -13.55 8.97
N TRP C 50 -8.39 -14.22 7.98
CA TRP C 50 -9.33 -15.34 8.20
C TRP C 50 -10.72 -14.86 8.52
N ASP C 51 -10.93 -13.54 8.52
CA ASP C 51 -12.23 -12.98 8.82
C ASP C 51 -12.96 -12.85 7.50
N VAL C 52 -13.62 -13.93 7.10
CA VAL C 52 -14.31 -14.00 5.81
C VAL C 52 -15.42 -12.96 5.65
N GLU C 53 -16.15 -12.68 6.73
CA GLU C 53 -17.17 -11.64 6.75
C GLU C 53 -16.57 -10.28 6.42
N GLU C 54 -15.39 -10.00 6.96
CA GLU C 54 -14.72 -8.73 6.68
C GLU C 54 -14.20 -8.68 5.26
N GLY C 55 -13.54 -9.75 4.83
CA GLY C 55 -13.09 -9.86 3.43
C GLY C 55 -14.21 -9.62 2.43
N ALA C 56 -15.39 -10.17 2.73
CA ALA C 56 -16.59 -10.03 1.92
C ALA C 56 -17.03 -8.60 1.72
N ARG C 57 -16.96 -7.78 2.78
CA ARG C 57 -17.30 -6.35 2.70
C ARG C 57 -16.43 -5.58 1.71
N TYR C 58 -15.17 -5.94 1.60
CA TYR C 58 -14.23 -5.23 0.73
C TYR C 58 -14.36 -5.58 -0.74
N ILE C 59 -15.18 -6.60 -1.05
CA ILE C 59 -15.28 -7.14 -2.41
C ILE C 59 -16.68 -7.13 -3.00
N VAL C 60 -17.67 -7.09 -2.12
CA VAL C 60 -19.05 -7.20 -2.55
C VAL C 60 -19.51 -6.09 -3.50
N ASP C 61 -19.07 -4.86 -3.31
CA ASP C 61 -19.57 -3.78 -4.17
C ASP C 61 -18.57 -3.28 -5.22
N LEU C 62 -17.58 -4.12 -5.54
CA LEU C 62 -16.56 -3.76 -6.51
C LEU C 62 -17.05 -3.73 -7.97
N PRO C 63 -17.84 -4.74 -8.39
CA PRO C 63 -18.08 -4.91 -9.84
C PRO C 63 -18.47 -3.66 -10.60
N ARG C 64 -19.33 -2.83 -10.02
CA ARG C 64 -19.89 -1.71 -10.79
C ARG C 64 -18.84 -0.65 -11.07
N PHE C 65 -17.78 -0.63 -10.28
CA PHE C 65 -16.74 0.37 -10.41
C PHE C 65 -15.72 -0.02 -11.46
N PHE C 66 -15.69 -1.29 -11.83
CA PHE C 66 -14.66 -1.84 -12.72
C PHE C 66 -15.11 -2.09 -14.17
N PRO C 67 -14.15 -1.96 -15.13
CA PRO C 67 -14.48 -2.30 -16.50
C PRO C 67 -15.00 -3.72 -16.54
N GLU C 68 -15.89 -3.98 -17.49
CA GLU C 68 -16.38 -5.34 -17.66
C GLU C 68 -15.22 -6.27 -18.01
N GLY C 69 -15.29 -7.49 -17.49
CA GLY C 69 -14.26 -8.49 -17.75
C GLY C 69 -13.24 -8.56 -16.64
N THR C 70 -13.36 -7.65 -15.68
CA THR C 70 -12.48 -7.65 -14.50
C THR C 70 -12.66 -8.96 -13.74
N VAL C 71 -11.53 -9.48 -13.27
CA VAL C 71 -11.50 -10.65 -12.44
C VAL C 71 -11.16 -10.21 -11.04
N PHE C 72 -11.96 -10.65 -10.09
CA PHE C 72 -11.69 -10.34 -8.71
C PHE C 72 -11.05 -11.56 -8.08
N ALA C 73 -9.80 -11.38 -7.66
CA ALA C 73 -9.03 -12.41 -7.01
C ALA C 73 -9.05 -12.03 -5.53
N THR C 74 -9.83 -12.77 -4.74
CA THR C 74 -10.26 -12.32 -3.43
C THR C 74 -10.00 -13.46 -2.45
N THR C 75 -9.11 -13.26 -1.49
CA THR C 75 -8.69 -14.42 -0.72
C THR C 75 -8.23 -14.18 0.71
N THR C 76 -8.91 -14.85 1.64
CA THR C 76 -8.27 -15.23 2.90
C THR C 76 -8.41 -16.74 2.89
N TYR C 77 -7.33 -17.47 3.15
CA TYR C 77 -7.33 -18.88 2.86
C TYR C 77 -6.85 -19.71 4.06
N PRO C 78 -7.57 -19.66 5.21
CA PRO C 78 -7.18 -20.44 6.38
C PRO C 78 -7.10 -21.98 6.18
N ALA C 79 -7.83 -22.52 5.19
CA ALA C 79 -7.78 -23.93 4.88
C ALA C 79 -6.74 -24.24 3.79
N THR C 80 -5.77 -23.35 3.65
CA THR C 80 -4.66 -23.56 2.73
C THR C 80 -3.94 -24.87 3.02
N GLY C 81 -3.58 -25.58 1.96
CA GLY C 81 -2.84 -26.83 2.05
C GLY C 81 -3.77 -28.00 2.27
N THR C 82 -5.06 -27.75 2.38
CA THR C 82 -6.00 -28.86 2.50
C THR C 82 -6.49 -29.29 1.11
N THR C 83 -7.38 -30.29 1.10
CA THR C 83 -7.97 -30.78 -0.14
C THR C 83 -8.96 -29.79 -0.72
N THR C 84 -9.28 -28.74 0.04
CA THR C 84 -10.19 -27.70 -0.44
C THR C 84 -9.68 -27.12 -1.78
N ARG C 85 -10.62 -26.80 -2.65
CA ARG C 85 -10.30 -26.09 -3.88
C ARG C 85 -11.12 -24.81 -3.98
N SER C 86 -10.53 -23.80 -4.62
CA SER C 86 -11.19 -22.52 -4.78
C SER C 86 -12.42 -22.71 -5.64
N VAL C 87 -13.33 -21.75 -5.54
CA VAL C 87 -14.47 -21.66 -6.44
C VAL C 87 -14.21 -20.44 -7.32
N ALA C 88 -14.52 -20.57 -8.60
CA ALA C 88 -14.51 -19.42 -9.50
C ALA C 88 -15.93 -19.26 -10.05
N VAL C 89 -16.50 -18.07 -9.90
CA VAL C 89 -17.88 -17.78 -10.32
C VAL C 89 -17.93 -16.58 -11.26
N ARG C 90 -18.80 -16.65 -12.26
CA ARG C 90 -19.15 -15.47 -13.03
C ARG C 90 -20.42 -14.92 -12.40
N ILE C 91 -20.36 -13.71 -11.86
CA ILE C 91 -21.54 -13.13 -11.23
C ILE C 91 -22.55 -12.69 -12.28
N LYS C 92 -23.79 -12.47 -11.86
CA LYS C 92 -24.84 -12.07 -12.80
C LYS C 92 -24.91 -10.54 -12.89
N GLN C 93 -25.64 -9.90 -11.99
CA GLN C 93 -25.80 -8.47 -12.12
C GLN C 93 -24.69 -7.75 -11.37
N ALA C 94 -24.09 -6.78 -12.06
CA ALA C 94 -22.99 -5.98 -11.49
C ALA C 94 -23.50 -5.13 -10.33
N ALA C 95 -24.80 -4.83 -10.38
CA ALA C 95 -25.57 -4.31 -9.25
C ALA C 95 -25.18 -2.92 -8.76
N LYS C 96 -26.17 -2.05 -8.76
CA LYS C 96 -26.06 -0.70 -8.22
C LYS C 96 -25.79 -0.76 -6.71
N GLY C 97 -25.35 0.38 -6.17
CA GLY C 97 -25.07 0.49 -4.73
C GLY C 97 -25.13 1.94 -4.27
N GLY C 98 -24.42 2.23 -3.17
CA GLY C 98 -24.42 3.57 -2.60
C GLY C 98 -25.56 3.77 -1.61
N ALA C 99 -25.77 5.04 -1.22
CA ALA C 99 -26.83 5.39 -0.27
C ALA C 99 -28.20 5.47 -0.97
N ARG C 100 -28.18 5.61 -2.29
CA ARG C 100 -29.40 5.78 -3.10
C ARG C 100 -29.70 4.60 -4.03
N GLY C 101 -28.71 3.74 -4.23
CA GLY C 101 -28.73 2.71 -5.24
C GLY C 101 -28.61 3.09 -6.70
N GLN C 102 -27.41 3.47 -7.12
CA GLN C 102 -27.12 3.83 -8.52
C GLN C 102 -26.02 3.01 -9.23
N TRP C 103 -25.90 3.19 -10.54
CA TRP C 103 -24.67 2.89 -11.27
C TRP C 103 -23.59 3.92 -10.97
N ALA C 104 -22.34 3.49 -10.95
CA ALA C 104 -21.20 4.38 -10.63
C ALA C 104 -20.67 5.12 -11.87
N GLY C 105 -20.01 6.26 -11.66
CA GLY C 105 -19.41 6.99 -12.75
C GLY C 105 -20.01 8.37 -12.93
N SER C 106 -19.42 9.13 -13.84
CA SER C 106 -19.92 10.43 -14.24
C SER C 106 -21.23 10.28 -14.99
N GLY C 107 -21.94 11.38 -15.19
CA GLY C 107 -23.21 11.35 -15.87
C GLY C 107 -24.20 10.57 -15.02
N ALA C 108 -25.02 9.75 -15.68
CA ALA C 108 -25.97 8.84 -15.03
C ALA C 108 -25.25 7.58 -14.56
N GLY C 109 -23.93 7.56 -14.75
CA GLY C 109 -23.15 6.44 -14.31
C GLY C 109 -22.97 5.45 -15.44
N PHE C 110 -22.28 4.36 -15.15
CA PHE C 110 -21.89 3.44 -16.18
C PHE C 110 -22.56 2.11 -15.95
N GLU C 111 -23.45 1.73 -16.87
CA GLU C 111 -24.12 0.45 -16.71
C GLU C 111 -23.19 -0.66 -17.05
N ARG C 112 -23.27 -1.75 -16.30
CA ARG C 112 -22.45 -2.92 -16.55
C ARG C 112 -23.33 -4.06 -17.02
N ALA C 113 -22.96 -4.63 -18.16
CA ALA C 113 -23.62 -5.84 -18.67
C ALA C 113 -23.56 -6.92 -17.58
N GLU C 114 -24.57 -7.80 -17.60
CA GLU C 114 -24.63 -8.94 -16.68
C GLU C 114 -23.56 -9.95 -17.08
N GLY C 115 -23.17 -10.84 -16.16
CA GLY C 115 -22.17 -11.87 -16.44
C GLY C 115 -20.81 -11.34 -16.84
N SER C 116 -20.43 -10.19 -16.28
CA SER C 116 -19.26 -9.47 -16.79
C SER C 116 -18.08 -9.57 -15.88
N TYR C 117 -18.22 -10.26 -14.74
CA TYR C 117 -17.14 -10.31 -13.74
C TYR C 117 -17.01 -11.71 -13.22
N ILE C 118 -15.77 -12.10 -12.93
CA ILE C 118 -15.49 -13.38 -12.34
C ILE C 118 -14.85 -13.11 -11.00
N TYR C 119 -15.30 -13.81 -9.97
CA TYR C 119 -14.60 -13.85 -8.70
C TYR C 119 -13.99 -15.22 -8.57
N ILE C 120 -12.75 -15.27 -8.11
CA ILE C 120 -12.13 -16.52 -7.73
C ILE C 120 -11.66 -16.38 -6.29
N ALA C 121 -12.00 -17.37 -5.47
CA ALA C 121 -11.87 -17.23 -4.04
C ALA C 121 -11.80 -18.61 -3.41
N PRO C 122 -11.21 -18.69 -2.21
CA PRO C 122 -11.45 -19.91 -1.44
C PRO C 122 -12.96 -20.21 -1.37
N ASN C 123 -13.30 -21.50 -1.41
CA ASN C 123 -14.67 -21.89 -1.16
C ASN C 123 -14.92 -21.97 0.35
N ASN C 124 -14.86 -20.82 1.01
CA ASN C 124 -14.96 -20.77 2.47
C ASN C 124 -15.97 -19.74 2.94
N GLY C 125 -16.85 -19.32 2.03
CA GLY C 125 -17.88 -18.32 2.34
C GLY C 125 -17.49 -16.89 2.03
N LEU C 126 -16.24 -16.65 1.63
CA LEU C 126 -15.80 -15.28 1.34
C LEU C 126 -16.73 -14.59 0.35
N LEU C 127 -17.28 -15.38 -0.57
CA LEU C 127 -18.13 -14.85 -1.65
C LEU C 127 -19.60 -14.82 -1.29
N THR C 128 -19.92 -15.13 -0.04
CA THR C 128 -21.30 -15.13 0.43
C THR C 128 -22.09 -13.91 -0.04
N THR C 129 -21.67 -12.71 0.35
CA THR C 129 -22.44 -11.50 0.02
C THR C 129 -22.33 -11.07 -1.46
N VAL C 130 -21.22 -11.41 -2.11
CA VAL C 130 -21.09 -11.25 -3.57
C VAL C 130 -22.21 -12.05 -4.29
N LEU C 131 -22.40 -13.30 -3.89
CA LEU C 131 -23.39 -14.13 -4.55
C LEU C 131 -24.79 -13.67 -4.23
N GLU C 132 -25.02 -13.35 -2.97
CA GLU C 132 -26.32 -12.87 -2.54
C GLU C 132 -26.70 -11.60 -3.29
N GLU C 133 -25.76 -10.67 -3.38
CA GLU C 133 -26.06 -9.35 -3.93
C GLU C 133 -26.07 -9.36 -5.45
N HIS C 134 -25.23 -10.19 -6.06
CA HIS C 134 -25.06 -10.15 -7.52
C HIS C 134 -25.68 -11.30 -8.28
N GLY C 135 -25.95 -12.40 -7.59
CA GLY C 135 -26.28 -13.65 -8.27
C GLY C 135 -25.07 -14.15 -9.06
N TYR C 136 -25.20 -15.30 -9.69
CA TYR C 136 -24.14 -15.86 -10.50
C TYR C 136 -24.71 -16.71 -11.63
N LEU C 137 -23.95 -16.84 -12.70
CA LEU C 137 -24.38 -17.54 -13.91
C LEU C 137 -23.77 -18.92 -13.93
N GLU C 138 -22.55 -19.00 -13.41
CA GLU C 138 -21.80 -20.24 -13.37
C GLU C 138 -20.76 -20.21 -12.25
N ALA C 139 -20.55 -21.36 -11.64
CA ALA C 139 -19.60 -21.57 -10.55
C ALA C 139 -18.84 -22.86 -10.81
N TYR C 140 -17.54 -22.83 -10.60
CA TYR C 140 -16.69 -23.99 -10.84
C TYR C 140 -15.68 -24.17 -9.73
N GLU C 141 -15.38 -25.43 -9.45
CA GLU C 141 -14.24 -25.78 -8.62
C GLU C 141 -12.98 -25.55 -9.43
N VAL C 142 -11.97 -24.92 -8.82
CA VAL C 142 -10.72 -24.67 -9.49
C VAL C 142 -9.74 -25.84 -9.19
N THR C 143 -9.60 -26.74 -10.16
CA THR C 143 -8.77 -27.96 -9.99
C THR C 143 -7.80 -28.22 -11.13
N SER C 144 -8.02 -27.61 -12.28
CA SER C 144 -7.23 -27.94 -13.45
C SER C 144 -5.77 -27.54 -13.29
N PRO C 145 -4.84 -28.47 -13.57
CA PRO C 145 -3.43 -28.12 -13.50
C PRO C 145 -3.04 -27.09 -14.57
N LYS C 146 -3.97 -26.77 -15.47
CA LYS C 146 -3.81 -25.64 -16.39
C LYS C 146 -3.82 -24.29 -15.68
N VAL C 147 -4.50 -24.23 -14.54
CA VAL C 147 -4.69 -22.95 -13.84
C VAL C 147 -4.16 -22.90 -12.41
N ILE C 148 -3.89 -24.06 -11.82
CA ILE C 148 -3.25 -24.12 -10.49
C ILE C 148 -2.03 -25.01 -10.56
N PRO C 149 -1.09 -24.86 -9.59
CA PRO C 149 0.06 -25.76 -9.57
C PRO C 149 -0.31 -27.22 -9.34
N GLU C 150 0.49 -28.10 -9.93
CA GLU C 150 0.41 -29.52 -9.70
C GLU C 150 0.92 -29.83 -8.30
N GLN C 151 1.89 -29.04 -7.84
CA GLN C 151 2.47 -29.19 -6.51
C GLN C 151 2.23 -27.85 -5.79
N PRO C 152 1.01 -27.64 -5.30
CA PRO C 152 0.78 -26.30 -4.73
C PRO C 152 1.48 -26.18 -3.38
N GLU C 153 2.10 -25.01 -3.13
CA GLU C 153 2.67 -24.67 -1.85
C GLU C 153 1.60 -24.78 -0.78
N PRO C 154 1.82 -25.65 0.22
CA PRO C 154 0.77 -25.96 1.19
C PRO C 154 0.22 -24.73 1.92
N THR C 155 1.11 -23.85 2.36
CA THR C 155 0.70 -22.71 3.17
C THR C 155 0.32 -21.48 2.34
N PHE C 156 0.36 -21.57 1.02
CA PHE C 156 0.13 -20.35 0.22
C PHE C 156 -0.95 -20.50 -0.85
N TYR C 157 -2.10 -21.07 -0.49
CA TYR C 157 -3.19 -21.29 -1.47
C TYR C 157 -3.75 -19.98 -2.03
N SER C 158 -3.60 -18.89 -1.27
CA SER C 158 -3.99 -17.57 -1.77
C SER C 158 -3.27 -17.25 -3.08
N ARG C 159 -2.02 -17.69 -3.19
CA ARG C 159 -1.24 -17.54 -4.41
C ARG C 159 -1.55 -18.67 -5.38
N GLU C 160 -1.47 -19.91 -4.91
CA GLU C 160 -1.62 -21.11 -5.75
C GLU C 160 -3.02 -21.27 -6.30
N MET C 161 -4.02 -21.03 -5.46
CA MET C 161 -5.41 -21.35 -5.82
C MET C 161 -6.26 -20.14 -6.04
N VAL C 162 -5.67 -18.95 -6.00
CA VAL C 162 -6.43 -17.73 -6.27
C VAL C 162 -5.67 -16.87 -7.26
N ALA C 163 -4.48 -16.41 -6.86
CA ALA C 163 -3.66 -15.50 -7.66
C ALA C 163 -3.36 -16.07 -9.03
N ILE C 164 -2.73 -17.23 -9.06
CA ILE C 164 -2.35 -17.92 -10.30
C ILE C 164 -3.56 -18.21 -11.20
N PRO C 165 -4.60 -18.89 -10.68
CA PRO C 165 -5.77 -19.07 -11.51
C PRO C 165 -6.52 -17.82 -11.95
N SER C 166 -6.55 -16.75 -11.15
CA SER C 166 -7.17 -15.49 -11.56
C SER C 166 -6.48 -14.92 -12.79
N ALA C 167 -5.17 -15.07 -12.87
CA ALA C 167 -4.39 -14.55 -14.01
C ALA C 167 -4.71 -15.30 -15.30
N HIS C 168 -4.88 -16.61 -15.17
CA HIS C 168 -5.35 -17.43 -16.29
C HIS C 168 -6.72 -16.95 -16.75
N LEU C 169 -7.64 -16.73 -15.81
CA LEU C 169 -8.97 -16.24 -16.14
C LEU C 169 -8.91 -14.86 -16.76
N ALA C 170 -8.05 -14.00 -16.21
CA ALA C 170 -7.83 -12.68 -16.80
C ALA C 170 -7.31 -12.80 -18.22
N ALA C 171 -6.50 -13.83 -18.47
CA ALA C 171 -5.88 -14.05 -19.78
C ALA C 171 -6.83 -14.65 -20.80
N GLY C 172 -8.04 -14.99 -20.39
CA GLY C 172 -9.00 -15.58 -21.31
C GLY C 172 -9.11 -17.09 -21.21
N PHE C 173 -8.50 -17.69 -20.18
CA PHE C 173 -8.72 -19.14 -19.98
C PHE C 173 -10.22 -19.33 -19.72
N PRO C 174 -10.89 -20.24 -20.48
CA PRO C 174 -12.33 -20.41 -20.31
C PRO C 174 -12.67 -20.81 -18.89
N LEU C 175 -13.59 -20.07 -18.28
CA LEU C 175 -14.00 -20.28 -16.90
C LEU C 175 -14.42 -21.73 -16.64
N SER C 176 -15.22 -22.28 -17.55
CA SER C 176 -15.80 -23.62 -17.37
C SER C 176 -14.78 -24.76 -17.45
N GLU C 177 -13.55 -24.44 -17.83
CA GLU C 177 -12.49 -25.44 -17.95
C GLU C 177 -11.59 -25.48 -16.72
N VAL C 178 -11.88 -24.65 -15.70
CA VAL C 178 -11.02 -24.63 -14.50
C VAL C 178 -11.27 -25.83 -13.59
N GLY C 179 -12.40 -26.49 -13.79
CA GLY C 179 -12.75 -27.65 -13.00
C GLY C 179 -14.23 -27.87 -13.15
N ARG C 180 -14.77 -28.79 -12.37
CA ARG C 180 -16.16 -29.18 -12.55
C ARG C 180 -17.08 -28.08 -12.04
N PRO C 181 -18.34 -28.09 -12.50
CA PRO C 181 -19.31 -27.13 -11.99
C PRO C 181 -19.71 -27.51 -10.57
N LEU C 182 -19.91 -26.49 -9.75
CA LEU C 182 -20.33 -26.68 -8.39
C LEU C 182 -21.80 -26.38 -8.34
N GLU C 183 -22.55 -27.26 -7.67
CA GLU C 183 -23.93 -26.96 -7.37
C GLU C 183 -23.97 -25.84 -6.33
N ASP C 184 -25.11 -25.16 -6.21
CA ASP C 184 -25.22 -24.11 -5.21
C ASP C 184 -24.80 -24.54 -3.81
N HIS C 185 -25.24 -25.71 -3.39
CA HIS C 185 -25.03 -26.14 -1.99
C HIS C 185 -23.57 -26.36 -1.66
N GLU C 186 -22.76 -26.53 -2.70
CA GLU C 186 -21.33 -26.80 -2.56
C GLU C 186 -20.54 -25.52 -2.34
N ILE C 187 -21.20 -24.38 -2.50
CA ILE C 187 -20.55 -23.11 -2.31
C ILE C 187 -20.86 -22.68 -0.89
N VAL C 188 -19.84 -22.80 -0.05
CA VAL C 188 -19.92 -22.43 1.35
C VAL C 188 -20.36 -20.97 1.48
N ARG C 189 -21.29 -20.75 2.41
CA ARG C 189 -21.83 -19.46 2.74
C ARG C 189 -21.61 -19.22 4.21
N PHE C 190 -21.43 -17.97 4.62
CA PHE C 190 -21.53 -17.66 6.05
C PHE C 190 -22.91 -17.07 6.29
N ASN C 191 -23.39 -17.16 7.53
CA ASN C 191 -24.65 -16.53 7.89
C ASN C 191 -24.39 -15.15 8.41
N ARG C 192 -25.22 -14.21 8.01
CA ARG C 192 -25.10 -12.87 8.54
C ARG C 192 -26.21 -12.72 9.56
N PRO C 193 -25.84 -12.29 10.78
CA PRO C 193 -26.85 -12.01 11.79
C PRO C 193 -27.81 -10.95 11.27
N ALA C 194 -29.10 -11.17 11.51
CA ALA C 194 -30.14 -10.24 11.09
C ALA C 194 -30.24 -9.08 12.07
N VAL C 195 -30.69 -7.93 11.55
CA VAL C 195 -31.11 -6.84 12.40
C VAL C 195 -32.42 -7.25 13.08
N GLU C 196 -32.39 -7.39 14.40
CA GLU C 196 -33.53 -7.90 15.17
C GLU C 196 -34.38 -6.79 15.80
N GLN C 197 -35.66 -7.06 15.98
CA GLN C 197 -36.57 -6.06 16.53
C GLN C 197 -36.61 -6.13 18.05
N ASP C 198 -36.62 -4.96 18.68
CA ASP C 198 -36.83 -4.82 20.12
C ASP C 198 -37.73 -3.60 20.33
N GLY C 199 -39.02 -3.85 20.55
CA GLY C 199 -40.00 -2.77 20.49
C GLY C 199 -39.96 -2.22 19.07
N GLU C 200 -39.81 -0.91 18.94
CA GLU C 200 -39.62 -0.33 17.61
C GLU C 200 -38.17 0.09 17.34
N ALA C 201 -37.29 -0.23 18.28
CA ALA C 201 -35.84 -0.09 18.09
C ALA C 201 -35.29 -1.21 17.21
N LEU C 202 -34.34 -0.86 16.35
CA LEU C 202 -33.55 -1.82 15.57
C LEU C 202 -32.24 -2.15 16.29
N VAL C 203 -32.01 -3.44 16.49
CA VAL C 203 -30.82 -3.92 17.16
C VAL C 203 -29.95 -4.67 16.17
N GLY C 204 -28.80 -4.06 15.88
CA GLY C 204 -27.78 -4.67 15.08
C GLY C 204 -26.45 -4.58 15.80
N VAL C 205 -25.40 -4.45 14.99
CA VAL C 205 -24.06 -4.43 15.50
C VAL C 205 -23.31 -3.37 14.73
N VAL C 206 -22.18 -2.97 15.29
CA VAL C 206 -21.20 -2.22 14.57
C VAL C 206 -20.53 -3.25 13.67
N SER C 207 -20.81 -3.14 12.38
CA SER C 207 -20.22 -4.05 11.39
C SER C 207 -18.79 -3.64 11.01
N ALA C 208 -18.44 -2.39 11.23
CA ALA C 208 -17.09 -1.92 10.92
C ALA C 208 -16.79 -0.56 11.52
N ILE C 209 -15.54 -0.37 11.93
CA ILE C 209 -15.04 0.98 12.14
C ILE C 209 -14.43 1.32 10.82
N ASP C 210 -14.89 2.43 10.26
CA ASP C 210 -14.52 2.82 8.91
C ASP C 210 -13.24 3.60 9.00
N HIS C 211 -12.14 2.88 8.87
CA HIS C 211 -10.81 3.46 8.94
C HIS C 211 -10.58 4.19 7.62
N PRO C 212 -9.80 5.28 7.62
CA PRO C 212 -9.08 5.92 8.73
C PRO C 212 -9.86 7.00 9.46
N PHE C 213 -11.17 7.06 9.25
CA PHE C 213 -11.98 8.20 9.68
C PHE C 213 -12.56 8.05 11.06
N GLY C 214 -12.70 6.81 11.50
CA GLY C 214 -13.32 6.52 12.78
C GLY C 214 -14.83 6.62 12.69
N ASN C 215 -15.38 6.56 11.48
CA ASN C 215 -16.83 6.48 11.32
C ASN C 215 -17.28 5.12 11.77
N VAL C 216 -18.51 5.04 12.26
CA VAL C 216 -19.00 3.78 12.76
C VAL C 216 -20.05 3.28 11.80
N TRP C 217 -19.81 2.09 11.23
CA TRP C 217 -20.77 1.47 10.31
C TRP C 217 -21.52 0.38 11.02
N THR C 218 -22.82 0.35 10.83
CA THR C 218 -23.63 -0.67 11.44
C THR C 218 -24.15 -1.56 10.32
N ASN C 219 -24.73 -2.68 10.71
CA ASN C 219 -25.35 -3.59 9.77
C ASN C 219 -26.83 -3.27 9.62
N ILE C 220 -27.23 -2.08 10.10
CA ILE C 220 -28.62 -1.64 9.97
C ILE C 220 -28.73 -0.90 8.64
N HIS C 221 -29.44 -1.52 7.69
CA HIS C 221 -29.48 -1.02 6.32
C HIS C 221 -30.59 0.02 6.11
N ARG C 222 -30.43 0.84 5.07
CA ARG C 222 -31.47 1.76 4.60
C ARG C 222 -32.85 1.09 4.59
N THR C 223 -32.92 -0.14 4.08
CA THR C 223 -34.18 -0.91 4.06
C THR C 223 -34.72 -1.21 5.45
N ASP C 224 -33.84 -1.52 6.39
CA ASP C 224 -34.24 -1.74 7.80
C ASP C 224 -34.87 -0.48 8.37
N LEU C 225 -34.27 0.66 8.04
CA LEU C 225 -34.74 1.97 8.49
C LEU C 225 -36.08 2.37 7.89
N GLU C 226 -36.16 2.49 6.55
CA GLU C 226 -37.44 2.88 5.91
C GLU C 226 -38.53 1.79 5.92
N LYS C 227 -38.18 0.59 6.38
CA LYS C 227 -39.15 -0.43 6.79
C LYS C 227 -39.65 -0.16 8.22
N ALA C 228 -38.95 0.72 8.95
CA ALA C 228 -39.38 1.15 10.29
C ALA C 228 -39.88 2.59 10.28
N GLY C 229 -40.01 3.16 9.09
CA GLY C 229 -40.55 4.53 8.94
C GLY C 229 -39.55 5.59 9.36
N ILE C 230 -38.27 5.24 9.21
CA ILE C 230 -37.17 6.16 9.47
C ILE C 230 -36.60 6.61 8.13
N GLY C 231 -36.74 7.90 7.84
CA GLY C 231 -36.19 8.50 6.63
C GLY C 231 -35.30 9.65 7.03
N TYR C 232 -34.65 10.28 6.05
CA TYR C 232 -33.76 11.42 6.34
C TYR C 232 -34.52 12.47 7.13
N GLY C 233 -33.83 13.17 8.04
CA GLY C 233 -34.48 14.18 8.88
C GLY C 233 -35.07 13.66 10.17
N ALA C 234 -35.16 12.32 10.28
CA ALA C 234 -35.68 11.67 11.49
C ALA C 234 -34.69 11.76 12.64
N ARG C 235 -35.17 12.25 13.79
CA ARG C 235 -34.37 12.27 15.03
C ARG C 235 -34.10 10.85 15.55
N LEU C 236 -32.83 10.47 15.57
CA LEU C 236 -32.48 9.12 16.00
C LEU C 236 -31.65 9.12 17.27
N ARG C 237 -31.95 8.15 18.13
CA ARG C 237 -31.09 7.82 19.25
C ARG C 237 -30.32 6.53 18.91
N LEU C 238 -29.02 6.67 18.78
CA LEU C 238 -28.18 5.54 18.47
C LEU C 238 -27.33 5.25 19.70
N THR C 239 -27.54 4.06 20.28
CA THR C 239 -26.75 3.58 21.42
C THR C 239 -25.77 2.54 20.91
N LEU C 240 -24.51 2.66 21.33
CA LEU C 240 -23.45 1.74 20.89
C LEU C 240 -22.88 1.00 22.09
N ASP C 241 -22.62 -0.31 21.91
CA ASP C 241 -22.01 -1.16 22.94
C ASP C 241 -22.95 -1.31 24.14
N GLY C 242 -24.20 -0.95 23.94
CA GLY C 242 -25.18 -1.02 25.03
C GLY C 242 -24.93 0.04 26.09
N VAL C 243 -24.12 1.06 25.77
CA VAL C 243 -23.77 2.09 26.77
C VAL C 243 -23.87 3.51 26.21
N LEU C 244 -23.12 3.77 25.14
CA LEU C 244 -22.89 5.10 24.58
C LEU C 244 -24.01 5.56 23.67
N PRO C 245 -24.80 6.53 24.12
CA PRO C 245 -25.88 7.07 23.32
C PRO C 245 -25.48 8.32 22.52
N PHE C 246 -26.06 8.42 21.33
CA PHE C 246 -25.87 9.56 20.46
C PHE C 246 -27.23 9.88 19.92
N GLU C 247 -27.50 11.16 19.74
CA GLU C 247 -28.71 11.61 19.08
C GLU C 247 -28.37 12.61 18.00
N ALA C 248 -28.94 12.37 16.82
CA ALA C 248 -28.88 13.27 15.68
C ALA C 248 -30.01 12.95 14.71
N PRO C 249 -30.39 13.92 13.88
CA PRO C 249 -31.27 13.55 12.77
C PRO C 249 -30.52 12.72 11.73
N LEU C 250 -31.23 11.90 10.97
CA LEU C 250 -30.58 11.21 9.86
C LEU C 250 -30.33 12.21 8.74
N THR C 251 -29.09 12.27 8.25
CA THR C 251 -28.70 13.22 7.24
C THR C 251 -27.89 12.51 6.15
N PRO C 252 -27.86 13.06 4.92
CA PRO C 252 -27.06 12.49 3.83
C PRO C 252 -25.55 12.43 4.12
N THR C 253 -25.01 13.47 4.74
CA THR C 253 -23.56 13.53 4.90
C THR C 253 -23.11 14.10 6.23
N PHE C 254 -21.80 14.09 6.44
CA PHE C 254 -21.16 14.54 7.67
C PHE C 254 -21.39 16.03 7.94
N ALA C 255 -21.07 16.88 6.97
CA ALA C 255 -21.17 18.33 7.16
C ALA C 255 -22.58 18.81 7.58
N ASP C 256 -23.58 17.94 7.43
CA ASP C 256 -24.94 18.27 7.85
C ASP C 256 -25.07 18.40 9.37
N ALA C 257 -24.10 17.86 10.11
CA ALA C 257 -24.01 18.01 11.56
C ALA C 257 -23.71 19.45 11.99
N GLY C 258 -23.23 20.27 11.06
CA GLY C 258 -22.84 21.63 11.36
C GLY C 258 -21.38 21.74 11.77
N GLU C 259 -21.14 22.18 13.01
CA GLU C 259 -19.79 22.43 13.48
C GLU C 259 -18.94 21.17 13.34
N ILE C 260 -17.66 21.35 13.02
CA ILE C 260 -16.67 20.26 13.03
C ILE C 260 -16.74 19.56 14.40
N GLY C 261 -16.83 18.24 14.36
CA GLY C 261 -16.90 17.46 15.58
C GLY C 261 -18.30 17.09 16.02
N ASN C 262 -19.32 17.72 15.44
CA ASN C 262 -20.71 17.37 15.77
C ASN C 262 -21.07 15.99 15.24
N ILE C 263 -22.03 15.35 15.90
CA ILE C 263 -22.47 14.01 15.50
C ILE C 263 -23.33 14.06 14.24
N ALA C 264 -22.94 13.25 13.27
CA ALA C 264 -23.73 12.93 12.11
C ALA C 264 -24.16 11.47 12.15
N ILE C 265 -25.46 11.23 12.00
CA ILE C 265 -26.00 9.88 11.78
C ILE C 265 -26.52 9.94 10.35
N TYR C 266 -26.09 8.97 9.53
CA TYR C 266 -26.22 9.07 8.09
C TYR C 266 -26.25 7.66 7.52
N LEU C 267 -26.44 7.56 6.21
CA LEU C 267 -26.22 6.30 5.49
C LEU C 267 -24.87 6.35 4.78
N ASN C 268 -24.04 5.32 4.99
CA ASN C 268 -22.73 5.23 4.33
C ASN C 268 -22.82 4.94 2.82
N SER C 269 -21.68 5.08 2.13
CA SER C 269 -21.60 4.92 0.66
C SER C 269 -21.89 3.50 0.24
N ARG C 270 -22.20 2.67 1.24
CA ARG C 270 -22.52 1.27 1.06
C ARG C 270 -24.00 1.10 1.39
N GLY C 271 -24.64 2.14 1.93
CA GLY C 271 -26.10 2.16 2.20
C GLY C 271 -26.61 1.80 3.59
N TYR C 272 -25.71 1.71 4.58
CA TYR C 272 -26.09 1.30 5.93
C TYR C 272 -26.06 2.46 6.94
N LEU C 273 -26.89 2.35 7.98
CA LEU C 273 -26.86 3.33 9.06
C LEU C 273 -25.47 3.41 9.66
N SER C 274 -24.94 4.62 9.72
CA SER C 274 -23.59 4.84 10.20
C SER C 274 -23.61 6.06 11.10
N ILE C 275 -22.57 6.22 11.91
CA ILE C 275 -22.50 7.38 12.76
C ILE C 275 -21.07 7.90 12.77
N ALA C 276 -20.94 9.22 12.83
CA ALA C 276 -19.64 9.85 12.67
C ALA C 276 -19.68 11.16 13.43
N ARG C 277 -18.51 11.75 13.63
CA ARG C 277 -18.41 13.18 13.94
C ARG C 277 -18.07 13.84 12.62
N ASN C 278 -18.51 15.06 12.45
CA ASN C 278 -18.21 15.81 11.24
C ASN C 278 -16.75 16.23 11.19
N ALA C 279 -16.01 15.69 10.22
CA ALA C 279 -14.58 15.97 10.06
C ALA C 279 -13.83 15.79 11.38
N ALA C 280 -14.24 14.80 12.16
CA ALA C 280 -13.50 14.40 13.34
C ALA C 280 -13.71 12.92 13.48
N SER C 281 -12.86 12.25 14.24
CA SER C 281 -13.05 10.82 14.40
C SER C 281 -13.94 10.48 15.59
N LEU C 282 -14.99 9.71 15.34
CA LEU C 282 -15.87 9.29 16.41
C LEU C 282 -15.33 8.07 17.15
N ALA C 283 -14.90 7.07 16.39
CA ALA C 283 -14.64 5.77 16.98
C ALA C 283 -13.41 5.76 17.86
N TYR C 284 -12.40 6.53 17.47
CA TYR C 284 -11.08 6.40 18.08
C TYR C 284 -10.99 6.94 19.50
N PRO C 285 -11.46 8.19 19.72
CA PRO C 285 -11.45 8.70 21.09
C PRO C 285 -12.29 7.85 22.04
N TYR C 286 -13.30 7.15 21.52
CA TYR C 286 -14.19 6.37 22.38
C TYR C 286 -13.88 4.89 22.34
N HIS C 287 -12.89 4.51 21.54
CA HIS C 287 -12.47 3.13 21.39
C HIS C 287 -13.65 2.25 21.03
N LEU C 288 -14.46 2.77 20.11
CA LEU C 288 -15.54 1.99 19.53
C LEU C 288 -14.99 0.92 18.60
N LYS C 289 -15.64 -0.24 18.59
CA LYS C 289 -15.13 -1.40 17.86
C LYS C 289 -16.25 -2.08 17.08
N GLU C 290 -15.86 -2.65 15.95
CA GLU C 290 -16.64 -3.64 15.25
C GLU C 290 -17.13 -4.68 16.24
N GLY C 291 -18.39 -5.05 16.16
CA GLY C 291 -18.93 -6.09 17.02
C GLY C 291 -19.68 -5.55 18.21
N MET C 292 -19.48 -4.27 18.53
CA MET C 292 -20.31 -3.63 19.55
C MET C 292 -21.74 -3.56 19.06
N SER C 293 -22.69 -3.77 19.96
CA SER C 293 -24.09 -3.68 19.60
C SER C 293 -24.38 -2.25 19.19
N ALA C 294 -25.37 -2.12 18.34
CA ALA C 294 -25.84 -0.84 17.87
C ALA C 294 -27.34 -0.95 17.91
N ARG C 295 -27.96 -0.04 18.64
CA ARG C 295 -29.39 0.03 18.80
C ARG C 295 -29.79 1.40 18.27
N VAL C 296 -30.76 1.43 17.36
CA VAL C 296 -31.31 2.70 16.90
C VAL C 296 -32.81 2.74 17.17
N GLU C 297 -33.30 3.94 17.41
CA GLU C 297 -34.71 4.19 17.70
C GLU C 297 -35.02 5.65 17.36
N ALA C 298 -36.24 5.89 16.87
CA ALA C 298 -36.72 7.26 16.61
C ALA C 298 -37.00 8.05 17.90
N1 CC5 D . 19.86 7.87 8.53
C2 CC5 D . 20.39 7.18 7.50
N3 CC5 D . 19.69 6.97 6.39
C4 CC5 D . 18.44 7.42 6.31
N9 CC5 D . 17.52 7.35 5.36
C8 CC5 D . 16.43 7.99 5.75
N7 CC5 D . 16.64 8.48 6.98
C5 CC5 D . 17.86 8.15 7.35
C6 CC5 D . 18.62 8.38 8.49
N6 CC5 D . 18.10 9.07 9.52
C1' CC5 D . 17.73 6.68 4.07
C2' CC5 D . 16.59 5.70 3.91
C3' CC5 D . 16.12 5.90 2.46
C4' CC5 D . 17.21 6.81 1.88
O4' CC5 D . 17.52 7.64 3.05
O2' CC5 D . 17.09 4.38 4.18
O3' CC5 D . 16.07 4.66 1.75
C1 GOL E . 2.61 4.11 -3.38
O1 GOL E . 2.82 4.13 -4.76
C2 GOL E . 2.93 2.73 -2.83
O2 GOL E . 1.81 1.88 -3.04
C3 GOL E . 3.29 2.86 -1.36
O3 GOL E . 2.26 3.56 -0.67
C1 GOL F . 32.08 -15.21 -8.94
O1 GOL F . 31.65 -15.76 -7.71
C2 GOL F . 30.87 -14.73 -9.74
O2 GOL F . 29.81 -15.65 -9.58
C3 GOL F . 31.20 -14.64 -11.23
O3 GOL F . 31.45 -13.29 -11.57
C1 GOL G . 4.09 -15.24 3.46
O1 GOL G . 3.85 -14.30 4.51
C2 GOL G . 3.28 -16.53 3.60
O2 GOL G . 3.89 -17.52 2.79
C3 GOL G . 1.81 -16.36 3.19
O3 GOL G . 0.99 -17.34 3.85
C1 GOL H . 14.51 9.26 2.62
O1 GOL H . 15.23 10.19 3.40
C2 GOL H . 13.61 10.02 1.63
O2 GOL H . 12.41 9.31 1.40
C3 GOL H . 13.24 11.36 2.24
O3 GOL H . 13.48 12.37 1.30
C1 GOL I . 16.55 -5.62 -18.12
O1 GOL I . 16.74 -6.85 -17.45
C2 GOL I . 15.85 -5.93 -19.43
O2 GOL I . 14.53 -6.31 -19.13
C3 GOL I . 15.85 -4.71 -20.34
O3 GOL I . 15.00 -4.91 -21.46
N1 CC5 J . -16.34 13.81 8.24
C2 CC5 J . -16.10 14.52 7.13
N3 CC5 J . -15.65 13.96 6.03
C4 CC5 J . -15.42 12.62 6.03
N9 CC5 J . -14.98 11.78 5.10
C8 CC5 J . -14.94 10.55 5.61
N7 CC5 J . -15.37 10.60 6.86
C5 CC5 J . -15.67 11.86 7.16
C6 CC5 J . -16.14 12.50 8.30
N6 CC5 J . -16.42 11.82 9.42
C1' CC5 J . -14.59 12.20 3.74
C2' CC5 J . -13.17 11.77 3.54
C3' CC5 J . -13.18 11.23 2.10
C4' CC5 J . -14.56 11.61 1.58
O4' CC5 J . -15.34 11.46 2.78
O2' CC5 J . -12.32 12.92 3.71
O3' CC5 J . -12.18 11.88 1.35
C1 GOL K . -5.04 0.18 -3.19
O1 GOL K . -5.21 0.12 -4.59
C2 GOL K . -3.90 1.12 -2.82
O2 GOL K . -2.64 0.51 -3.00
C3 GOL K . -4.06 1.52 -1.35
O3 GOL K . -4.14 0.37 -0.52
N1 CC5 L . -3.58 -20.46 9.94
C2 CC5 L . -4.39 -20.62 8.89
N3 CC5 L . -4.16 -20.00 7.74
C4 CC5 L . -3.10 -19.20 7.59
N9 CC5 L . -2.62 -18.49 6.56
C8 CC5 L . -1.50 -17.88 6.93
N7 CC5 L . -1.26 -18.22 8.22
C5 CC5 L . -2.22 -19.03 8.64
C6 CC5 L . -2.49 -19.69 9.87
N6 CC5 L . -1.70 -19.55 10.94
C1' CC5 L . -3.28 -18.42 5.23
C2' CC5 L . -3.58 -16.94 4.99
C3' CC5 L . -3.16 -16.71 3.55
C4' CC5 L . -2.98 -18.12 3.00
O4' CC5 L . -2.39 -18.76 4.14
O2' CC5 L . -4.97 -16.70 5.20
O3' CC5 L . -4.25 -16.18 2.86
C1 GOL M . 0.52 -4.41 -1.06
O1 GOL M . 1.56 -3.80 -0.31
C2 GOL M . 0.81 -4.21 -2.54
O2 GOL M . 0.75 -2.82 -2.84
C3 GOL M . 2.17 -4.79 -2.95
O3 GOL M . 2.33 -4.87 -4.36
C1 GOL N . -28.29 -19.19 -9.27
O1 GOL N . -28.24 -18.76 -7.94
C2 GOL N . -27.50 -20.48 -9.43
O2 GOL N . -27.98 -21.45 -8.53
C3 GOL N . -27.63 -21.00 -10.85
O3 GOL N . -26.66 -20.38 -11.68
C1 GOL O . -17.04 -2.16 27.22
O1 GOL O . -17.02 -2.52 25.86
C2 GOL O . -18.39 -2.39 27.90
O2 GOL O . -18.13 -2.91 29.18
C3 GOL O . -19.33 -3.32 27.12
O3 GOL O . -20.29 -3.90 27.97
#